data_5XGZ
#
_entry.id   5XGZ
#
_cell.length_a   202.427
_cell.length_b   202.427
_cell.length_c   202.427
_cell.angle_alpha   90.00
_cell.angle_beta   90.00
_cell.angle_gamma   90.00
#
_symmetry.space_group_name_H-M   'I 2 3'
#
loop_
_entity.id
_entity.type
_entity.pdbx_description
1 polymer Beta-glycosidase
2 non-polymer GLYCEROL
3 non-polymer 'NICKEL (II) ION'
4 non-polymer 'SULFATE ION'
5 water water
#
_entity_poly.entity_id   1
_entity_poly.type   'polypeptide(L)'
_entity_poly.pdbx_seq_one_letter_code
;VSTQNEPHRFPPDFQWGVATSSYQIEGAVEADGRSPSIWDTFCARPGAIADGSTGAIANDHYHRYREDIAIMKQLGVNAY
RFSIAWPRILPDGRGRVNQAGVDFYERLVDSLLEQGIEPYATLYHWDMPQVQHDRTPWYDRGVVDAFVEYTDVITRRLSD
RVKYWMTLNEPWVISFLGYGAGEHAPGLRDKELYLRAAHHVLLAHGKAMPVIRANGNAQTKAGIVLNLNWVNAASDSPED
QAAARRYDQFFNRWFAEPLYNGRYPEELLEWYGRDLVPVQPGDFDIITTPTDFLAVNYYARTTVKAGSTDPMLQVDFVRP
PGEYTAMDWEVYPQGLYNILNWLHTDYAPPALYVTENGAAYDDQVSAAGEVDDPQRLAYLEGHFEAAYRAIQAGIPLKGY
FVWSLMDNFEWGRGFEKRFGIVFVDYATQQRIIKRSGKWFSQVTRANGLPAPQTTLE
;
_entity_poly.pdbx_strand_id   A,B
#
loop_
_chem_comp.id
_chem_comp.type
_chem_comp.name
_chem_comp.formula
GOL non-polymer GLYCEROL 'C3 H8 O3'
NI non-polymer 'NICKEL (II) ION' 'Ni 2'
SO4 non-polymer 'SULFATE ION' 'O4 S -2'
#
# COMPACT_ATOMS: atom_id res chain seq x y z
N GLU A 6 -46.44 27.40 -15.87
CA GLU A 6 -45.69 28.24 -14.89
C GLU A 6 -44.22 27.76 -14.66
N PRO A 7 -43.31 28.73 -14.46
CA PRO A 7 -41.91 28.28 -14.35
C PRO A 7 -41.64 27.40 -13.13
N HIS A 8 -40.77 26.43 -13.28
CA HIS A 8 -40.31 25.66 -12.14
C HIS A 8 -39.26 26.49 -11.45
N ARG A 9 -39.64 27.48 -10.66
CA ARG A 9 -38.70 28.34 -9.98
C ARG A 9 -38.29 27.79 -8.60
N PHE A 10 -37.02 27.90 -8.28
CA PHE A 10 -36.48 27.44 -7.00
C PHE A 10 -36.73 28.53 -5.94
N PRO A 11 -36.39 28.25 -4.67
CA PRO A 11 -36.62 29.27 -3.67
C PRO A 11 -35.78 30.49 -3.93
N PRO A 12 -36.23 31.65 -3.45
CA PRO A 12 -35.57 32.91 -3.78
C PRO A 12 -34.14 33.01 -3.34
N ASP A 13 -33.76 32.38 -2.23
CA ASP A 13 -32.34 32.42 -1.84
C ASP A 13 -31.54 31.20 -2.26
N PHE A 14 -32.05 30.40 -3.21
CA PHE A 14 -31.38 29.12 -3.49
C PHE A 14 -29.99 29.43 -3.99
N GLN A 15 -29.02 28.63 -3.55
CA GLN A 15 -27.63 28.82 -3.95
C GLN A 15 -27.30 27.91 -5.12
N TRP A 16 -26.91 28.53 -6.22
CA TRP A 16 -26.51 27.83 -7.40
C TRP A 16 -25.05 27.98 -7.48
N GLY A 17 -24.34 26.85 -7.53
CA GLY A 17 -22.87 26.99 -7.63
C GLY A 17 -22.20 25.95 -8.48
N VAL A 18 -20.90 26.07 -8.49
CA VAL A 18 -20.02 25.08 -9.10
C VAL A 18 -18.98 24.68 -8.08
N ALA A 19 -18.43 23.46 -8.24
CA ALA A 19 -17.44 22.92 -7.32
C ALA A 19 -16.14 22.48 -7.96
N THR A 20 -15.09 22.60 -7.18
CA THR A 20 -13.73 22.15 -7.49
C THR A 20 -13.04 21.62 -6.19
N SER A 21 -11.83 21.15 -6.35
CA SER A 21 -10.96 20.80 -5.22
C SER A 21 -9.56 21.34 -5.56
N SER A 22 -8.77 21.57 -4.54
CA SER A 22 -7.44 22.13 -4.74
C SER A 22 -6.44 21.36 -5.59
N TYR A 23 -6.19 20.08 -5.29
CA TYR A 23 -5.24 19.36 -6.13
C TYR A 23 -5.73 19.18 -7.59
N GLN A 24 -7.04 19.06 -7.79
CA GLN A 24 -7.61 18.87 -9.11
C GLN A 24 -7.44 20.08 -10.04
N ILE A 25 -7.37 21.29 -9.49
CA ILE A 25 -7.26 22.51 -10.36
C ILE A 25 -6.09 23.43 -10.18
N GLU A 26 -5.49 23.48 -9.01
CA GLU A 26 -4.55 24.55 -8.72
C GLU A 26 -3.21 24.52 -9.49
N GLY A 27 -2.61 23.35 -9.62
CA GLY A 27 -1.28 23.20 -10.13
C GLY A 27 -0.32 23.94 -9.23
N ALA A 28 0.77 24.46 -9.84
CA ALA A 28 1.77 25.25 -9.05
C ALA A 28 2.14 24.48 -7.75
N VAL A 29 2.51 23.24 -7.95
CA VAL A 29 2.72 22.35 -6.82
C VAL A 29 3.87 22.65 -5.92
N GLU A 30 4.82 23.43 -6.41
CA GLU A 30 6.00 23.81 -5.67
C GLU A 30 6.05 25.28 -5.31
N ALA A 31 5.06 26.01 -5.70
CA ALA A 31 5.02 27.44 -5.54
C ALA A 31 4.82 27.91 -4.17
N ASP A 32 5.51 28.98 -3.80
CA ASP A 32 5.20 29.69 -2.57
C ASP A 32 5.19 28.80 -1.33
N GLY A 33 6.16 27.93 -1.22
CA GLY A 33 6.33 27.09 0.00
C GLY A 33 5.45 25.83 0.10
N ARG A 34 4.61 25.54 -0.88
CA ARG A 34 3.80 24.34 -0.86
C ARG A 34 4.70 23.10 -0.83
N SER A 35 4.35 22.14 0.05
CA SER A 35 5.08 20.85 0.14
C SER A 35 4.29 19.81 -0.60
N PRO A 36 4.94 18.70 -0.96
CA PRO A 36 4.18 17.65 -1.66
C PRO A 36 3.01 17.06 -0.83
N SER A 37 1.86 16.89 -1.47
CA SER A 37 0.74 16.15 -0.81
C SER A 37 0.88 14.70 -1.09
N ILE A 38 0.10 13.86 -0.42
CA ILE A 38 0.11 12.42 -0.73
C ILE A 38 -0.21 12.09 -2.17
N TRP A 39 -0.99 12.96 -2.81
CA TRP A 39 -1.29 12.78 -4.24
C TRP A 39 -0.11 13.10 -5.17
N ASP A 40 0.74 14.03 -4.77
CA ASP A 40 1.92 14.35 -5.61
C ASP A 40 2.76 13.10 -5.63
N THR A 41 2.88 12.45 -4.45
CA THR A 41 3.68 11.17 -4.37
C THR A 41 2.99 10.02 -5.11
N PHE A 42 1.70 9.91 -4.96
CA PHE A 42 0.92 8.79 -5.52
C PHE A 42 0.90 8.79 -7.04
N CYS A 43 0.87 9.99 -7.66
CA CYS A 43 0.91 10.06 -9.10
C CYS A 43 2.17 9.48 -9.74
N ALA A 44 3.21 9.39 -8.95
CA ALA A 44 4.49 8.79 -9.40
C ALA A 44 4.43 7.28 -9.55
N ARG A 45 3.45 6.66 -8.95
CA ARG A 45 3.29 5.22 -9.01
CA ARG A 45 3.26 5.25 -9.00
C ARG A 45 2.76 4.68 -10.36
N PRO A 46 3.52 3.77 -10.92
CA PRO A 46 3.04 3.13 -12.17
C PRO A 46 1.69 2.47 -11.99
N GLY A 47 0.82 2.76 -12.94
CA GLY A 47 -0.54 2.22 -12.91
C GLY A 47 -1.52 2.98 -12.04
N ALA A 48 -1.07 3.97 -11.27
CA ALA A 48 -1.92 4.65 -10.35
C ALA A 48 -2.88 5.57 -11.11
N ILE A 49 -2.38 6.26 -12.13
CA ILE A 49 -3.20 7.20 -12.90
C ILE A 49 -3.33 6.68 -14.31
N ALA A 50 -4.56 6.52 -14.81
CA ALA A 50 -4.81 5.82 -16.07
C ALA A 50 -4.08 6.40 -17.29
N ASP A 51 -3.95 7.70 -17.39
CA ASP A 51 -3.30 8.30 -18.55
C ASP A 51 -1.85 8.69 -18.22
N GLY A 52 -1.34 8.31 -17.04
CA GLY A 52 0.01 8.59 -16.65
C GLY A 52 0.25 10.03 -16.27
N SER A 53 -0.82 10.77 -15.98
CA SER A 53 -0.64 12.19 -15.69
C SER A 53 -0.44 12.45 -14.21
N THR A 54 -0.21 13.69 -13.88
CA THR A 54 -0.16 14.17 -12.50
C THR A 54 -0.89 15.48 -12.38
N GLY A 55 -1.03 15.97 -11.17
CA GLY A 55 -1.69 17.27 -10.90
C GLY A 55 -0.72 18.42 -10.84
N ALA A 56 0.48 18.27 -11.41
CA ALA A 56 1.53 19.29 -11.29
C ALA A 56 1.15 20.66 -11.87
N ILE A 57 0.42 20.64 -12.97
CA ILE A 57 -0.05 21.86 -13.61
C ILE A 57 -1.57 21.96 -13.48
N ALA A 58 -2.30 20.88 -13.78
CA ALA A 58 -3.76 20.90 -13.64
C ALA A 58 -4.38 22.02 -14.50
N ASN A 59 -5.24 22.85 -13.92
CA ASN A 59 -5.86 23.98 -14.62
C ASN A 59 -5.05 25.26 -14.40
N ASP A 60 -3.94 25.13 -13.67
CA ASP A 60 -3.14 26.27 -13.30
C ASP A 60 -3.95 27.39 -12.60
N HIS A 61 -4.93 26.96 -11.82
CA HIS A 61 -5.85 27.87 -11.14
C HIS A 61 -5.14 28.73 -10.07
N TYR A 62 -4.01 28.26 -9.55
CA TYR A 62 -3.24 29.02 -8.61
C TYR A 62 -2.89 30.45 -9.18
N HIS A 63 -2.52 30.47 -10.44
CA HIS A 63 -2.25 31.68 -11.18
C HIS A 63 -3.49 32.27 -11.85
N ARG A 64 -4.39 31.44 -12.35
CA ARG A 64 -5.52 31.87 -13.13
C ARG A 64 -6.85 32.09 -12.43
N TYR A 65 -6.85 32.10 -11.10
CA TYR A 65 -8.07 32.27 -10.32
C TYR A 65 -8.96 33.46 -10.68
N ARG A 66 -8.36 34.64 -10.94
CA ARG A 66 -9.17 35.79 -11.32
C ARG A 66 -9.99 35.55 -12.59
N GLU A 67 -9.36 34.94 -13.56
CA GLU A 67 -9.96 34.59 -14.82
C GLU A 67 -11.11 33.59 -14.57
N ASP A 68 -10.87 32.60 -13.71
CA ASP A 68 -11.87 31.61 -13.42
C ASP A 68 -13.04 32.24 -12.72
N ILE A 69 -12.74 33.19 -11.83
CA ILE A 69 -13.82 33.83 -11.11
C ILE A 69 -14.72 34.60 -12.14
N ALA A 70 -14.10 35.21 -13.13
CA ALA A 70 -14.85 35.94 -14.14
C ALA A 70 -15.73 35.01 -14.93
N ILE A 71 -15.25 33.79 -15.17
CA ILE A 71 -16.07 32.72 -15.77
C ILE A 71 -17.26 32.38 -14.93
N MET A 72 -17.03 32.30 -13.62
CA MET A 72 -18.12 32.05 -12.67
C MET A 72 -19.20 33.13 -12.85
N LYS A 73 -18.76 34.36 -13.04
CA LYS A 73 -19.72 35.48 -13.23
C LYS A 73 -20.53 35.31 -14.50
N GLN A 74 -19.87 34.86 -15.56
CA GLN A 74 -20.54 34.49 -16.78
C GLN A 74 -21.57 33.41 -16.53
N LEU A 75 -21.25 32.42 -15.71
CA LEU A 75 -22.12 31.35 -15.39
C LEU A 75 -23.30 31.76 -14.50
N GLY A 76 -23.18 32.91 -13.84
CA GLY A 76 -24.29 33.42 -12.99
C GLY A 76 -24.42 32.76 -11.65
N VAL A 77 -23.37 32.09 -11.20
CA VAL A 77 -23.44 31.40 -9.91
C VAL A 77 -23.44 32.41 -8.77
N ASN A 78 -24.16 32.10 -7.70
CA ASN A 78 -24.04 32.96 -6.51
C ASN A 78 -23.22 32.26 -5.42
N ALA A 79 -22.67 31.08 -5.72
CA ALA A 79 -21.85 30.35 -4.76
C ALA A 79 -20.74 29.58 -5.43
N TYR A 80 -19.62 29.41 -4.73
CA TYR A 80 -18.48 28.67 -5.24
C TYR A 80 -17.95 27.72 -4.18
N ARG A 81 -17.89 26.41 -4.50
CA ARG A 81 -17.34 25.42 -3.52
C ARG A 81 -15.94 25.06 -4.00
N PHE A 82 -14.97 25.24 -3.14
CA PHE A 82 -13.59 24.89 -3.39
C PHE A 82 -13.02 24.22 -2.14
N SER A 83 -11.82 23.69 -2.26
CA SER A 83 -11.11 23.13 -1.11
C SER A 83 -9.81 23.90 -0.87
N ILE A 84 -9.30 23.85 0.36
CA ILE A 84 -8.06 24.52 0.72
C ILE A 84 -6.98 23.43 0.88
N ALA A 85 -5.83 23.71 0.36
CA ALA A 85 -4.75 22.79 0.44
C ALA A 85 -3.96 22.91 1.75
N TRP A 86 -4.02 21.86 2.54
CA TRP A 86 -3.27 21.79 3.79
C TRP A 86 -1.76 21.93 3.52
N PRO A 87 -1.25 21.36 2.47
CA PRO A 87 0.17 21.54 2.09
C PRO A 87 0.58 22.99 1.82
N ARG A 88 -0.33 23.84 1.39
CA ARG A 88 -0.02 25.29 1.27
C ARG A 88 -0.01 26.00 2.63
N ILE A 89 -0.97 25.68 3.49
CA ILE A 89 -1.15 26.37 4.78
C ILE A 89 -0.11 25.98 5.81
N LEU A 90 0.09 24.67 5.97
CA LEU A 90 1.07 24.12 6.89
C LEU A 90 1.87 23.06 6.12
N PRO A 91 2.85 23.51 5.33
CA PRO A 91 3.74 22.72 4.53
C PRO A 91 4.51 21.67 5.36
N ASP A 92 4.79 21.93 6.64
CA ASP A 92 5.47 20.92 7.49
C ASP A 92 4.49 20.03 8.14
N GLY A 93 3.20 20.28 7.84
CA GLY A 93 2.05 19.46 8.26
C GLY A 93 1.43 20.04 9.52
N ARG A 94 2.33 20.55 10.38
CA ARG A 94 2.02 21.16 11.66
C ARG A 94 3.02 22.28 11.88
N GLY A 95 2.79 23.07 12.94
CA GLY A 95 3.74 24.12 13.26
C GLY A 95 3.69 25.39 12.44
N ARG A 96 4.75 25.73 11.68
CA ARG A 96 4.83 27.04 11.07
C ARG A 96 3.79 27.27 9.95
N VAL A 97 2.99 28.32 10.11
CA VAL A 97 2.02 28.74 9.11
C VAL A 97 2.77 29.33 7.92
N ASN A 98 2.37 28.95 6.73
CA ASN A 98 2.97 29.47 5.54
C ASN A 98 2.12 30.66 5.10
N GLN A 99 2.56 31.87 5.39
N GLN A 99 2.64 31.86 5.35
CA GLN A 99 1.74 33.05 5.08
CA GLN A 99 1.89 33.12 5.04
C GLN A 99 1.43 33.26 3.59
C GLN A 99 1.48 33.26 3.61
N ALA A 100 2.33 32.87 2.69
CA ALA A 100 2.06 32.97 1.28
C ALA A 100 0.89 32.05 0.90
N GLY A 101 0.83 30.89 1.51
CA GLY A 101 -0.27 29.96 1.26
C GLY A 101 -1.58 30.52 1.75
N VAL A 102 -1.58 31.05 2.97
CA VAL A 102 -2.77 31.65 3.51
C VAL A 102 -3.18 32.82 2.61
N ASP A 103 -2.19 33.54 2.12
CA ASP A 103 -2.43 34.67 1.28
C ASP A 103 -3.19 34.34 -0.03
N PHE A 104 -2.86 33.21 -0.68
CA PHE A 104 -3.61 32.84 -1.86
C PHE A 104 -5.09 32.71 -1.56
N TYR A 105 -5.43 32.01 -0.49
CA TYR A 105 -6.84 31.84 -0.15
C TYR A 105 -7.55 33.11 0.28
N GLU A 106 -6.79 34.04 0.87
CA GLU A 106 -7.35 35.35 1.20
C GLU A 106 -7.72 36.18 -0.08
N ARG A 107 -6.82 36.12 -1.07
CA ARG A 107 -7.02 36.79 -2.29
C ARG A 107 -8.20 36.08 -3.02
N LEU A 108 -8.20 34.75 -2.99
CA LEU A 108 -9.31 34.03 -3.68
C LEU A 108 -10.66 34.45 -3.11
N VAL A 109 -10.77 34.38 -1.78
CA VAL A 109 -12.05 34.74 -1.08
C VAL A 109 -12.45 36.19 -1.24
N ASP A 110 -11.48 37.09 -1.14
CA ASP A 110 -11.74 38.52 -1.33
C ASP A 110 -12.28 38.73 -2.72
N SER A 111 -11.61 38.19 -3.72
CA SER A 111 -12.08 38.30 -5.11
C SER A 111 -13.49 37.72 -5.29
N LEU A 112 -13.78 36.60 -4.67
CA LEU A 112 -15.10 36.05 -4.79
C LEU A 112 -16.15 36.97 -4.17
N LEU A 113 -15.94 37.44 -2.96
CA LEU A 113 -16.94 38.27 -2.26
C LEU A 113 -17.16 39.59 -3.02
N GLU A 114 -16.09 40.10 -3.62
CA GLU A 114 -16.11 41.32 -4.42
C GLU A 114 -17.06 41.12 -5.62
N GLN A 115 -17.15 39.89 -6.13
CA GLN A 115 -18.05 39.61 -7.24
C GLN A 115 -19.37 39.10 -6.78
N GLY A 116 -19.62 39.13 -5.50
CA GLY A 116 -20.89 38.64 -4.94
C GLY A 116 -21.03 37.14 -5.02
N ILE A 117 -19.95 36.40 -4.93
CA ILE A 117 -20.03 34.95 -4.95
C ILE A 117 -19.75 34.42 -3.51
N GLU A 118 -20.68 33.71 -2.90
CA GLU A 118 -20.45 33.18 -1.57
C GLU A 118 -19.46 32.02 -1.55
N PRO A 119 -18.45 32.08 -0.68
CA PRO A 119 -17.51 30.96 -0.69
C PRO A 119 -17.96 29.83 0.20
N TYR A 120 -17.88 28.61 -0.28
CA TYR A 120 -18.18 27.44 0.53
C TYR A 120 -16.87 26.67 0.52
N ALA A 121 -16.20 26.61 1.67
CA ALA A 121 -14.85 26.06 1.72
C ALA A 121 -14.71 24.67 2.35
N THR A 122 -14.11 23.74 1.61
CA THR A 122 -13.87 22.40 2.13
C THR A 122 -12.49 22.33 2.76
N LEU A 123 -12.41 22.05 4.04
CA LEU A 123 -11.09 21.92 4.69
C LEU A 123 -10.20 20.76 4.13
N TYR A 124 -10.79 19.57 3.98
CA TYR A 124 -9.98 18.42 3.53
C TYR A 124 -10.60 17.76 2.32
N HIS A 125 -9.99 17.92 1.15
CA HIS A 125 -10.43 17.23 -0.06
C HIS A 125 -9.21 16.41 -0.62
N TRP A 126 -8.65 15.59 0.27
CA TRP A 126 -7.80 14.47 -0.05
C TRP A 126 -6.33 14.70 -0.14
N ASP A 127 -5.90 15.97 -0.06
CA ASP A 127 -4.53 16.32 -0.21
C ASP A 127 -3.76 16.55 1.09
N MET A 128 -3.61 15.52 1.91
CA MET A 128 -2.78 15.67 3.11
C MET A 128 -1.33 15.90 2.74
N PRO A 129 -0.63 16.77 3.46
CA PRO A 129 0.80 16.94 3.13
C PRO A 129 1.50 15.59 3.35
N GLN A 130 2.40 15.24 2.47
CA GLN A 130 3.09 13.96 2.58
C GLN A 130 3.82 13.83 3.88
N VAL A 131 4.41 14.94 4.32
CA VAL A 131 5.20 14.89 5.54
C VAL A 131 4.30 14.58 6.76
N GLN A 132 3.07 15.11 6.78
CA GLN A 132 2.15 14.78 7.83
C GLN A 132 1.67 13.34 7.79
N HIS A 133 1.44 12.84 6.60
CA HIS A 133 1.00 11.44 6.44
C HIS A 133 2.10 10.45 6.97
N ASP A 134 3.33 10.86 6.80
CA ASP A 134 4.46 10.07 7.32
C ASP A 134 4.42 9.95 8.83
N ARG A 135 3.91 10.98 9.47
CA ARG A 135 3.66 10.96 10.93
C ARG A 135 2.33 10.33 11.30
N THR A 136 1.26 10.78 10.66
CA THR A 136 -0.09 10.32 11.02
C THR A 136 -0.97 10.01 9.82
N PRO A 137 -0.91 8.78 9.30
CA PRO A 137 -1.81 8.34 8.29
C PRO A 137 -3.27 8.28 8.88
N TRP A 138 -4.30 8.14 8.04
CA TRP A 138 -5.64 8.29 8.49
C TRP A 138 -5.94 7.13 9.47
N TYR A 139 -5.23 6.02 9.34
CA TYR A 139 -5.39 4.85 10.24
C TYR A 139 -4.77 5.04 11.58
N ASP A 140 -4.08 6.15 11.77
CA ASP A 140 -3.43 6.47 13.06
C ASP A 140 -4.25 7.55 13.72
N ARG A 141 -4.61 7.31 14.97
CA ARG A 141 -5.50 8.18 15.71
C ARG A 141 -4.96 9.60 15.91
N GLY A 142 -3.65 9.75 15.83
CA GLY A 142 -3.06 11.05 16.00
C GLY A 142 -3.38 11.99 14.88
N VAL A 143 -3.95 11.47 13.80
CA VAL A 143 -4.34 12.29 12.67
C VAL A 143 -5.43 13.28 13.03
N VAL A 144 -6.25 12.93 13.99
CA VAL A 144 -7.37 13.78 14.43
C VAL A 144 -6.87 15.13 14.94
N ASP A 145 -5.93 15.13 15.89
CA ASP A 145 -5.39 16.41 16.38
C ASP A 145 -4.62 17.17 15.28
N ALA A 146 -4.01 16.47 14.34
CA ALA A 146 -3.30 17.15 13.25
C ALA A 146 -4.25 17.93 12.35
N PHE A 147 -5.38 17.31 12.01
CA PHE A 147 -6.36 17.98 11.19
C PHE A 147 -6.97 19.13 11.94
N VAL A 148 -7.21 18.95 13.24
CA VAL A 148 -7.81 20.03 14.05
C VAL A 148 -6.90 21.26 14.11
N GLU A 149 -5.60 21.04 14.23
CA GLU A 149 -4.61 22.14 14.23
C GLU A 149 -4.69 22.92 12.95
N TYR A 150 -4.71 22.18 11.83
CA TYR A 150 -4.82 22.81 10.50
C TYR A 150 -6.11 23.60 10.39
N THR A 151 -7.19 23.02 10.88
CA THR A 151 -8.51 23.63 10.84
C THR A 151 -8.50 24.95 11.63
N ASP A 152 -7.89 24.88 12.80
CA ASP A 152 -7.80 26.04 13.65
C ASP A 152 -7.04 27.19 12.98
N VAL A 153 -5.89 26.88 12.36
CA VAL A 153 -5.06 27.92 11.76
C VAL A 153 -5.82 28.65 10.64
N ILE A 154 -6.40 27.89 9.73
CA ILE A 154 -7.07 28.48 8.58
C ILE A 154 -8.41 29.12 8.92
N THR A 155 -9.20 28.52 9.82
CA THR A 155 -10.43 29.12 10.21
C THR A 155 -10.22 30.46 10.92
N ARG A 156 -9.14 30.60 11.67
CA ARG A 156 -8.86 31.92 12.29
C ARG A 156 -8.60 33.00 11.30
N ARG A 157 -7.81 32.67 10.26
N ARG A 157 -7.85 32.68 10.24
CA ARG A 157 -7.46 33.61 9.17
CA ARG A 157 -7.52 33.65 9.20
C ARG A 157 -8.64 33.94 8.28
C ARG A 157 -8.68 34.00 8.33
N LEU A 158 -9.55 33.02 8.01
CA LEU A 158 -10.64 33.25 7.03
C LEU A 158 -12.04 33.35 7.58
N SER A 159 -12.26 33.14 8.86
CA SER A 159 -13.64 33.06 9.38
C SER A 159 -14.43 34.39 9.23
N ASP A 160 -13.73 35.53 9.18
CA ASP A 160 -14.39 36.80 9.02
C ASP A 160 -15.07 36.88 7.63
N ARG A 161 -14.49 36.24 6.63
CA ARG A 161 -15.08 36.22 5.27
C ARG A 161 -15.77 34.92 4.85
N VAL A 162 -15.36 33.78 5.40
CA VAL A 162 -15.99 32.51 5.02
C VAL A 162 -16.98 32.07 6.08
N LYS A 163 -18.24 32.02 5.71
CA LYS A 163 -19.28 31.62 6.62
C LYS A 163 -19.59 30.09 6.58
N TYR A 164 -19.57 29.49 5.39
CA TYR A 164 -19.87 28.10 5.19
C TYR A 164 -18.61 27.24 5.04
N TRP A 165 -18.43 26.27 5.94
CA TRP A 165 -17.31 25.37 5.95
C TRP A 165 -17.74 23.92 5.89
N MET A 166 -16.99 23.13 5.17
CA MET A 166 -17.16 21.70 5.13
C MET A 166 -15.91 21.10 5.68
N THR A 167 -16.04 20.11 6.53
CA THR A 167 -14.90 19.57 7.18
C THR A 167 -14.07 18.66 6.27
N LEU A 168 -14.63 17.50 5.94
CA LEU A 168 -13.97 16.52 5.07
C LEU A 168 -14.88 16.09 3.94
N ASN A 169 -14.28 15.93 2.78
CA ASN A 169 -15.06 15.53 1.59
C ASN A 169 -14.98 14.02 1.39
N GLU A 170 -16.16 13.39 1.39
CA GLU A 170 -16.30 11.97 1.02
C GLU A 170 -15.42 11.01 1.91
N PRO A 171 -15.76 10.88 3.19
CA PRO A 171 -15.11 9.90 4.11
C PRO A 171 -14.94 8.53 3.51
N TRP A 172 -15.92 8.06 2.79
CA TRP A 172 -15.85 6.77 2.16
C TRP A 172 -14.68 6.67 1.19
N VAL A 173 -14.47 7.70 0.42
CA VAL A 173 -13.38 7.73 -0.56
C VAL A 173 -12.05 7.76 0.18
N ILE A 174 -11.92 8.67 1.13
CA ILE A 174 -10.67 8.88 1.86
C ILE A 174 -10.23 7.63 2.50
N SER A 175 -11.18 6.91 3.09
CA SER A 175 -10.83 5.68 3.78
C SER A 175 -10.80 4.44 2.90
N PHE A 176 -11.84 4.15 2.21
CA PHE A 176 -11.91 2.97 1.35
C PHE A 176 -11.02 2.95 0.12
N LEU A 177 -11.09 4.01 -0.69
CA LEU A 177 -10.27 4.11 -1.89
C LEU A 177 -8.82 4.32 -1.54
N GLY A 178 -8.59 5.08 -0.51
CA GLY A 178 -7.21 5.36 -0.05
C GLY A 178 -6.49 4.21 0.68
N TYR A 179 -7.22 3.47 1.50
CA TYR A 179 -6.64 2.45 2.35
C TYR A 179 -7.22 1.06 2.17
N GLY A 180 -8.42 0.96 1.56
CA GLY A 180 -9.06 -0.28 1.39
C GLY A 180 -8.95 -0.89 -0.01
N ALA A 181 -9.02 -0.10 -1.07
CA ALA A 181 -8.98 -0.58 -2.47
C ALA A 181 -7.68 -0.21 -3.16
N GLY A 182 -6.88 0.67 -2.55
CA GLY A 182 -5.55 1.03 -3.11
C GLY A 182 -5.67 1.93 -4.34
N GLU A 183 -6.85 2.46 -4.62
CA GLU A 183 -7.09 3.21 -5.85
C GLU A 183 -6.69 4.67 -5.74
N HIS A 184 -6.76 5.25 -4.53
CA HIS A 184 -6.42 6.64 -4.23
C HIS A 184 -5.26 6.68 -3.25
N ALA A 185 -4.58 7.85 -3.18
CA ALA A 185 -3.49 8.01 -2.24
C ALA A 185 -4.01 7.76 -0.83
N PRO A 186 -3.22 7.09 0.00
CA PRO A 186 -1.83 6.71 -0.23
C PRO A 186 -1.67 5.40 -0.93
N GLY A 187 -2.72 4.77 -1.41
CA GLY A 187 -2.65 3.54 -2.21
C GLY A 187 -2.46 2.23 -1.45
N LEU A 188 -3.09 2.12 -0.29
CA LEU A 188 -3.07 0.86 0.50
C LEU A 188 -4.36 0.06 0.33
N ARG A 189 -4.28 -1.23 0.55
CA ARG A 189 -5.40 -2.13 0.34
C ARG A 189 -5.56 -3.10 1.52
N ASP A 190 -6.19 -2.68 2.60
CA ASP A 190 -6.36 -3.53 3.75
C ASP A 190 -7.66 -3.19 4.45
N LYS A 191 -8.44 -4.21 4.79
CA LYS A 191 -9.74 -3.95 5.43
C LYS A 191 -9.57 -3.21 6.75
N GLU A 192 -8.64 -3.69 7.61
CA GLU A 192 -8.44 -3.02 8.91
C GLU A 192 -8.03 -1.55 8.77
N LEU A 193 -7.10 -1.31 7.85
CA LEU A 193 -6.62 0.07 7.68
C LEU A 193 -7.74 1.00 7.21
N TYR A 194 -8.55 0.50 6.34
CA TYR A 194 -9.73 1.28 5.84
C TYR A 194 -10.69 1.60 6.94
N LEU A 195 -11.00 0.62 7.81
CA LEU A 195 -11.97 0.88 8.87
C LEU A 195 -11.38 1.84 9.90
N ARG A 196 -10.08 1.74 10.22
CA ARG A 196 -9.48 2.67 11.16
C ARG A 196 -9.55 4.09 10.60
N ALA A 197 -9.23 4.17 9.31
CA ALA A 197 -9.29 5.45 8.60
C ALA A 197 -10.68 6.04 8.61
N ALA A 198 -11.69 5.17 8.36
CA ALA A 198 -13.09 5.66 8.34
C ALA A 198 -13.47 6.27 9.70
N HIS A 199 -13.11 5.57 10.78
CA HIS A 199 -13.43 6.01 12.09
C HIS A 199 -12.71 7.33 12.43
N HIS A 200 -11.43 7.43 12.07
CA HIS A 200 -10.65 8.66 12.37
C HIS A 200 -11.10 9.88 11.54
N VAL A 201 -11.61 9.62 10.34
CA VAL A 201 -12.15 10.75 9.56
C VAL A 201 -13.38 11.29 10.32
N LEU A 202 -14.26 10.44 10.79
CA LEU A 202 -15.43 10.86 11.55
C LEU A 202 -15.04 11.64 12.79
N LEU A 203 -14.02 11.16 13.45
CA LEU A 203 -13.53 11.80 14.63
C LEU A 203 -12.95 13.15 14.33
N ALA A 204 -12.18 13.26 13.25
CA ALA A 204 -11.63 14.53 12.79
C ALA A 204 -12.75 15.50 12.48
N HIS A 205 -13.83 15.02 11.86
CA HIS A 205 -14.97 15.87 11.60
C HIS A 205 -15.56 16.41 12.91
N GLY A 206 -15.78 15.50 13.86
CA GLY A 206 -16.38 15.92 15.13
C GLY A 206 -15.52 16.86 15.97
N LYS A 207 -14.22 16.60 16.03
CA LYS A 207 -13.32 17.44 16.81
C LYS A 207 -13.20 18.82 16.15
N ALA A 208 -13.32 18.86 14.80
CA ALA A 208 -13.16 20.07 14.06
C ALA A 208 -14.32 21.05 14.27
N MET A 209 -15.54 20.53 14.39
CA MET A 209 -16.72 21.37 14.45
C MET A 209 -16.64 22.46 15.54
N PRO A 210 -16.34 22.11 16.81
CA PRO A 210 -16.30 23.18 17.85
C PRO A 210 -15.20 24.23 17.55
N VAL A 211 -14.14 23.81 16.88
CA VAL A 211 -13.08 24.74 16.51
C VAL A 211 -13.55 25.74 15.48
N ILE A 212 -14.25 25.23 14.46
CA ILE A 212 -14.79 26.11 13.43
C ILE A 212 -15.81 27.11 14.07
N ARG A 213 -16.63 26.62 15.01
N ARG A 213 -16.65 26.61 14.97
CA ARG A 213 -17.68 27.44 15.65
CA ARG A 213 -17.67 27.43 15.62
C ARG A 213 -17.03 28.54 16.52
C ARG A 213 -16.99 28.53 16.45
N ALA A 214 -16.05 28.11 17.29
CA ALA A 214 -15.30 29.01 18.16
C ALA A 214 -14.54 30.06 17.41
N ASN A 215 -13.94 29.73 16.26
CA ASN A 215 -13.20 30.72 15.48
C ASN A 215 -14.14 31.60 14.67
N GLY A 216 -15.39 31.22 14.58
CA GLY A 216 -16.40 31.95 13.82
C GLY A 216 -17.30 32.83 14.61
N ASN A 217 -18.48 33.10 14.07
CA ASN A 217 -19.48 33.93 14.74
C ASN A 217 -20.83 33.24 14.66
N ALA A 218 -21.91 33.97 14.92
CA ALA A 218 -23.24 33.42 14.95
C ALA A 218 -23.68 32.95 13.58
N GLN A 219 -23.19 33.59 12.56
CA GLN A 219 -23.44 33.18 11.16
C GLN A 219 -22.79 31.87 10.70
N THR A 220 -21.75 31.42 11.41
CA THR A 220 -21.00 30.26 10.97
C THR A 220 -21.83 28.98 10.84
N LYS A 221 -21.65 28.32 9.71
CA LYS A 221 -22.38 27.05 9.43
C LYS A 221 -21.36 26.03 9.00
N ALA A 222 -21.47 24.83 9.55
CA ALA A 222 -20.50 23.81 9.14
C ALA A 222 -21.13 22.43 9.07
N GLY A 223 -20.54 21.62 8.22
CA GLY A 223 -21.01 20.20 8.04
C GLY A 223 -20.00 19.39 7.32
N ILE A 224 -20.30 18.10 7.21
CA ILE A 224 -19.49 17.13 6.49
C ILE A 224 -20.09 16.95 5.09
N VAL A 225 -19.32 16.32 4.20
CA VAL A 225 -19.76 16.04 2.85
C VAL A 225 -19.69 14.55 2.62
N LEU A 226 -20.82 13.93 2.32
CA LEU A 226 -20.87 12.50 2.09
C LEU A 226 -21.17 12.23 0.61
N ASN A 227 -20.45 11.28 0.00
CA ASN A 227 -20.87 10.74 -1.22
C ASN A 227 -21.97 9.70 -0.94
N LEU A 228 -23.07 9.79 -1.66
CA LEU A 228 -24.17 8.82 -1.58
C LEU A 228 -24.65 8.53 -2.99
N ASN A 229 -24.99 7.30 -3.24
CA ASN A 229 -25.54 6.86 -4.56
C ASN A 229 -26.78 5.99 -4.27
N TRP A 230 -27.69 5.92 -5.22
CA TRP A 230 -28.88 5.09 -4.98
C TRP A 230 -28.48 3.64 -5.24
N VAL A 231 -28.82 2.74 -4.31
CA VAL A 231 -28.45 1.35 -4.45
C VAL A 231 -29.67 0.47 -4.76
N ASN A 232 -29.51 -0.45 -5.69
CA ASN A 232 -30.52 -1.43 -6.01
C ASN A 232 -29.98 -2.81 -6.03
N ALA A 233 -30.80 -3.77 -5.63
CA ALA A 233 -30.50 -5.19 -5.75
C ALA A 233 -30.76 -5.65 -7.18
N ALA A 234 -29.89 -6.49 -7.70
CA ALA A 234 -30.03 -6.99 -9.10
C ALA A 234 -31.31 -7.82 -9.26
N SER A 235 -31.76 -8.52 -8.22
CA SER A 235 -32.98 -9.31 -8.24
C SER A 235 -33.58 -9.41 -6.84
N ASP A 236 -34.65 -10.20 -6.71
CA ASP A 236 -35.34 -10.40 -5.43
C ASP A 236 -34.78 -11.61 -4.69
N SER A 237 -33.76 -12.27 -5.26
CA SER A 237 -33.19 -13.40 -4.56
C SER A 237 -32.64 -12.93 -3.21
N PRO A 238 -32.71 -13.78 -2.20
CA PRO A 238 -32.15 -13.43 -0.90
C PRO A 238 -30.67 -13.09 -0.97
N GLU A 239 -29.90 -13.85 -1.72
CA GLU A 239 -28.46 -13.54 -1.87
C GLU A 239 -28.23 -12.13 -2.48
N ASP A 240 -29.04 -11.74 -3.46
CA ASP A 240 -28.89 -10.45 -4.09
C ASP A 240 -29.35 -9.33 -3.17
N GLN A 241 -30.42 -9.58 -2.42
CA GLN A 241 -30.93 -8.58 -1.49
C GLN A 241 -29.88 -8.32 -0.42
N ALA A 242 -29.27 -9.41 0.05
CA ALA A 242 -28.32 -9.30 1.10
C ALA A 242 -27.06 -8.57 0.58
N ALA A 243 -26.68 -8.88 -0.65
CA ALA A 243 -25.53 -8.22 -1.24
C ALA A 243 -25.79 -6.74 -1.35
N ALA A 244 -26.97 -6.38 -1.80
CA ALA A 244 -27.33 -4.99 -1.97
C ALA A 244 -27.32 -4.28 -0.62
N ARG A 245 -27.82 -4.98 0.39
CA ARG A 245 -27.85 -4.48 1.75
C ARG A 245 -26.43 -4.18 2.26
N ARG A 246 -25.51 -5.12 2.06
CA ARG A 246 -24.16 -4.93 2.50
C ARG A 246 -23.51 -3.72 1.77
N TYR A 247 -23.75 -3.60 0.48
CA TYR A 247 -23.16 -2.51 -0.26
C TYR A 247 -23.71 -1.17 0.19
N ASP A 248 -25.02 -1.12 0.42
CA ASP A 248 -25.71 0.06 0.90
C ASP A 248 -25.10 0.51 2.25
N GLN A 249 -24.91 -0.44 3.13
CA GLN A 249 -24.35 -0.20 4.43
C GLN A 249 -22.91 0.29 4.30
N PHE A 250 -22.21 -0.29 3.36
CA PHE A 250 -20.76 0.04 3.09
C PHE A 250 -20.59 1.44 2.51
N PHE A 251 -21.44 1.80 1.56
CA PHE A 251 -21.33 3.03 0.79
C PHE A 251 -22.11 4.21 1.39
N ASN A 252 -23.38 3.97 1.70
CA ASN A 252 -24.31 5.03 2.14
C ASN A 252 -24.48 5.21 3.63
N ARG A 253 -24.45 4.11 4.39
CA ARG A 253 -24.79 4.22 5.85
C ARG A 253 -23.59 4.20 6.81
N TRP A 254 -22.41 3.87 6.32
CA TRP A 254 -21.28 3.67 7.21
C TRP A 254 -20.95 4.94 8.00
N PHE A 255 -21.15 6.10 7.35
CA PHE A 255 -20.85 7.38 7.98
C PHE A 255 -22.06 8.08 8.54
N ALA A 256 -23.15 8.00 7.79
CA ALA A 256 -24.39 8.63 8.21
C ALA A 256 -24.93 8.07 9.53
N GLU A 257 -24.86 6.77 9.71
CA GLU A 257 -25.40 6.22 10.98
C GLU A 257 -24.60 6.69 12.20
N PRO A 258 -23.26 6.69 12.11
CA PRO A 258 -22.49 7.27 13.22
C PRO A 258 -22.77 8.74 13.47
N LEU A 259 -22.84 9.52 12.41
CA LEU A 259 -23.07 10.97 12.53
C LEU A 259 -24.38 11.29 13.23
N TYR A 260 -25.46 10.56 12.90
CA TYR A 260 -26.78 10.88 13.45
C TYR A 260 -27.23 10.00 14.59
N ASN A 261 -26.85 8.74 14.65
CA ASN A 261 -27.31 7.80 15.62
C ASN A 261 -26.20 7.24 16.50
N GLY A 262 -24.96 7.66 16.31
CA GLY A 262 -23.88 7.16 17.11
C GLY A 262 -23.64 5.67 17.06
N ARG A 263 -23.79 5.06 15.88
CA ARG A 263 -23.51 3.63 15.72
C ARG A 263 -23.15 3.34 14.25
N TYR A 264 -22.41 2.26 14.03
CA TYR A 264 -22.14 1.78 12.71
C TYR A 264 -23.25 0.78 12.34
N PRO A 265 -23.57 0.64 11.02
CA PRO A 265 -24.53 -0.42 10.67
C PRO A 265 -24.09 -1.77 11.21
N GLU A 266 -24.90 -2.38 12.08
CA GLU A 266 -24.47 -3.55 12.80
C GLU A 266 -24.18 -4.81 11.99
N GLU A 267 -25.00 -5.15 11.04
CA GLU A 267 -24.73 -6.35 10.27
C GLU A 267 -23.42 -6.30 9.51
N LEU A 268 -23.15 -5.20 8.84
CA LEU A 268 -21.85 -5.08 8.16
C LEU A 268 -20.72 -5.03 9.17
N LEU A 269 -20.97 -4.43 10.32
CA LEU A 269 -19.96 -4.36 11.34
C LEU A 269 -19.51 -5.77 11.81
N GLU A 270 -20.53 -6.61 12.03
CA GLU A 270 -20.30 -8.02 12.37
C GLU A 270 -19.58 -8.75 11.28
N TRP A 271 -20.00 -8.53 10.04
CA TRP A 271 -19.39 -9.14 8.88
C TRP A 271 -17.89 -8.85 8.80
N TYR A 272 -17.53 -7.61 9.04
CA TYR A 272 -16.13 -7.24 9.04
C TYR A 272 -15.34 -7.80 10.19
N GLY A 273 -15.94 -7.81 11.39
CA GLY A 273 -15.22 -8.14 12.60
C GLY A 273 -15.15 -6.85 13.40
N ARG A 274 -16.02 -6.69 14.41
CA ARG A 274 -16.24 -5.41 15.10
C ARG A 274 -15.02 -4.83 15.80
N ASP A 275 -14.09 -5.70 16.22
CA ASP A 275 -12.84 -5.26 16.87
C ASP A 275 -11.94 -4.44 15.95
N LEU A 276 -12.07 -4.60 14.65
CA LEU A 276 -11.23 -3.81 13.70
C LEU A 276 -11.49 -2.30 13.75
N VAL A 277 -12.68 -1.88 14.15
CA VAL A 277 -12.95 -0.44 14.26
C VAL A 277 -12.48 0.01 15.61
N PRO A 278 -11.54 0.96 15.67
CA PRO A 278 -10.91 1.30 16.92
C PRO A 278 -11.69 2.38 17.71
N VAL A 279 -12.91 2.02 18.11
CA VAL A 279 -13.77 2.90 18.81
C VAL A 279 -13.31 3.00 20.26
N GLN A 280 -13.18 4.20 20.79
CA GLN A 280 -12.85 4.42 22.17
C GLN A 280 -14.01 5.19 22.83
N PRO A 281 -14.12 5.10 24.17
CA PRO A 281 -15.19 5.80 24.85
C PRO A 281 -15.19 7.30 24.58
N GLY A 282 -16.41 7.83 24.40
CA GLY A 282 -16.62 9.18 24.02
C GLY A 282 -16.56 9.46 22.55
N ASP A 283 -16.11 8.53 21.75
CA ASP A 283 -15.96 8.80 20.30
C ASP A 283 -17.27 9.17 19.61
N PHE A 284 -18.32 8.41 19.89
CA PHE A 284 -19.62 8.70 19.28
C PHE A 284 -20.19 10.05 19.71
N ASP A 285 -19.92 10.48 20.95
CA ASP A 285 -20.32 11.80 21.40
C ASP A 285 -19.64 12.85 20.56
N ILE A 286 -18.34 12.65 20.31
CA ILE A 286 -17.62 13.51 19.36
C ILE A 286 -18.18 13.49 17.91
N ILE A 287 -18.40 12.30 17.38
CA ILE A 287 -18.84 12.12 15.96
C ILE A 287 -20.22 12.76 15.74
N THR A 288 -21.10 12.71 16.75
CA THR A 288 -22.43 13.23 16.62
C THR A 288 -22.57 14.71 16.93
N THR A 289 -21.51 15.45 17.08
CA THR A 289 -21.58 16.85 17.37
C THR A 289 -22.47 17.51 16.32
N PRO A 290 -23.42 18.35 16.75
CA PRO A 290 -24.44 18.90 15.84
C PRO A 290 -23.88 19.71 14.71
N THR A 291 -24.45 19.48 13.52
CA THR A 291 -24.05 20.20 12.32
C THR A 291 -25.21 21.09 11.83
N ASP A 292 -24.85 22.12 11.11
CA ASP A 292 -25.82 23.03 10.46
C ASP A 292 -26.51 22.47 9.23
N PHE A 293 -25.81 21.58 8.54
CA PHE A 293 -26.32 20.98 7.34
C PHE A 293 -25.63 19.70 7.04
N LEU A 294 -26.14 19.01 6.03
CA LEU A 294 -25.47 17.84 5.49
C LEU A 294 -25.29 18.09 3.98
N ALA A 295 -24.07 17.94 3.51
CA ALA A 295 -23.76 18.10 2.12
C ALA A 295 -23.67 16.77 1.46
N VAL A 296 -24.23 16.67 0.28
CA VAL A 296 -24.38 15.41 -0.41
C VAL A 296 -23.71 15.48 -1.84
N ASN A 297 -22.94 14.47 -2.17
CA ASN A 297 -22.37 14.29 -3.52
C ASN A 297 -22.99 13.07 -4.12
N TYR A 298 -23.80 13.28 -5.18
CA TYR A 298 -24.62 12.22 -5.79
C TYR A 298 -24.28 12.12 -7.27
N TYR A 299 -24.08 10.88 -7.79
CA TYR A 299 -23.81 10.72 -9.16
C TYR A 299 -24.61 9.65 -9.92
N ALA A 300 -24.93 8.54 -9.26
CA ALA A 300 -25.40 7.37 -9.92
C ALA A 300 -26.24 6.42 -9.12
N ARG A 301 -26.76 5.42 -9.88
CA ARG A 301 -27.43 4.29 -9.26
C ARG A 301 -26.49 3.14 -9.42
N THR A 302 -26.29 2.38 -8.37
CA THR A 302 -25.43 1.20 -8.39
C THR A 302 -26.28 0.00 -8.12
N THR A 303 -26.17 -1.03 -8.98
CA THR A 303 -26.97 -2.22 -8.90
C THR A 303 -26.11 -3.41 -8.53
N VAL A 304 -26.47 -4.12 -7.49
CA VAL A 304 -25.61 -5.15 -6.88
C VAL A 304 -26.25 -6.55 -6.88
N LYS A 305 -25.38 -7.55 -7.04
CA LYS A 305 -25.75 -8.95 -6.93
C LYS A 305 -24.74 -9.67 -6.11
N ALA A 306 -25.11 -10.86 -5.60
CA ALA A 306 -24.13 -11.66 -4.87
C ALA A 306 -23.06 -12.12 -5.82
N GLY A 307 -21.82 -12.00 -5.43
CA GLY A 307 -20.74 -12.32 -6.34
C GLY A 307 -19.41 -12.34 -5.60
N SER A 308 -18.35 -12.79 -6.28
CA SER A 308 -17.04 -12.81 -5.64
C SER A 308 -16.10 -11.75 -6.26
N THR A 309 -16.61 -10.88 -7.12
CA THR A 309 -15.80 -9.82 -7.72
C THR A 309 -15.12 -8.92 -6.67
N ASP A 310 -15.87 -8.43 -5.69
CA ASP A 310 -15.32 -7.67 -4.58
C ASP A 310 -15.36 -8.75 -3.48
N PRO A 311 -14.18 -9.25 -3.12
CA PRO A 311 -14.06 -10.34 -2.13
C PRO A 311 -14.39 -9.89 -0.70
N MET A 312 -14.09 -8.63 -0.37
CA MET A 312 -14.38 -8.09 0.95
C MET A 312 -15.89 -8.09 1.25
N LEU A 313 -16.73 -7.73 0.28
CA LEU A 313 -18.19 -7.68 0.50
C LEU A 313 -18.95 -8.82 -0.18
N GLN A 314 -18.23 -9.61 -0.96
CA GLN A 314 -18.88 -10.68 -1.69
C GLN A 314 -20.01 -10.16 -2.57
N VAL A 315 -19.68 -9.17 -3.41
CA VAL A 315 -20.66 -8.63 -4.36
C VAL A 315 -20.11 -8.48 -5.77
N ASP A 316 -21.04 -8.41 -6.74
CA ASP A 316 -20.77 -8.14 -8.16
C ASP A 316 -21.66 -6.96 -8.53
N PHE A 317 -21.30 -6.22 -9.55
CA PHE A 317 -22.10 -5.11 -10.03
C PHE A 317 -22.76 -5.47 -11.35
N VAL A 318 -23.99 -5.02 -11.52
CA VAL A 318 -24.79 -5.25 -12.72
C VAL A 318 -25.10 -3.89 -13.34
N ARG A 319 -25.14 -3.86 -14.68
CA ARG A 319 -25.57 -2.65 -15.41
C ARG A 319 -26.95 -2.86 -15.97
N PRO A 320 -27.96 -2.22 -15.42
CA PRO A 320 -29.28 -2.29 -15.98
C PRO A 320 -29.29 -1.62 -17.37
N PRO A 321 -30.21 -2.00 -18.28
CA PRO A 321 -30.33 -1.28 -19.57
C PRO A 321 -30.62 0.17 -19.30
N GLY A 322 -29.85 1.07 -19.87
CA GLY A 322 -30.04 2.49 -19.70
C GLY A 322 -28.84 3.29 -20.23
N GLU A 323 -28.80 4.55 -19.80
CA GLU A 323 -27.84 5.52 -20.24
C GLU A 323 -26.65 5.51 -19.25
N TYR A 324 -25.44 5.51 -19.81
CA TYR A 324 -24.22 5.44 -19.05
C TYR A 324 -23.30 6.59 -19.44
N THR A 325 -22.58 7.15 -18.48
CA THR A 325 -21.64 8.25 -18.77
C THR A 325 -20.31 7.59 -19.22
N ALA A 326 -19.31 8.42 -19.45
CA ALA A 326 -17.98 7.94 -19.85
C ALA A 326 -17.23 7.33 -18.64
N MET A 327 -17.75 7.49 -17.43
CA MET A 327 -17.18 6.83 -16.28
C MET A 327 -17.78 5.43 -16.08
N ASP A 328 -18.68 5.02 -16.94
CA ASP A 328 -19.44 3.79 -16.79
C ASP A 328 -20.33 3.82 -15.57
N TRP A 329 -20.92 4.96 -15.33
CA TRP A 329 -21.87 5.16 -14.26
C TRP A 329 -23.29 5.37 -14.83
N GLU A 330 -24.26 4.65 -14.27
CA GLU A 330 -25.64 4.77 -14.73
C GLU A 330 -26.26 6.09 -14.41
N VAL A 331 -26.98 6.67 -15.39
CA VAL A 331 -27.63 7.93 -15.20
C VAL A 331 -29.04 7.68 -14.62
N TYR A 332 -29.30 8.09 -13.41
CA TYR A 332 -30.54 7.85 -12.72
C TYR A 332 -30.90 9.05 -11.82
N PRO A 333 -31.44 10.12 -12.42
CA PRO A 333 -31.81 11.36 -11.73
C PRO A 333 -32.80 11.12 -10.64
N GLN A 334 -33.67 10.14 -10.78
CA GLN A 334 -34.62 9.81 -9.71
C GLN A 334 -33.89 9.47 -8.40
N GLY A 335 -32.72 8.89 -8.55
CA GLY A 335 -31.92 8.56 -7.40
C GLY A 335 -31.61 9.72 -6.49
N LEU A 336 -31.42 10.91 -7.07
CA LEU A 336 -31.11 12.06 -6.28
C LEU A 336 -32.26 12.43 -5.35
N TYR A 337 -33.49 12.39 -5.86
CA TYR A 337 -34.65 12.66 -5.06
C TYR A 337 -34.72 11.61 -3.96
N ASN A 338 -34.52 10.36 -4.32
CA ASN A 338 -34.67 9.27 -3.34
C ASN A 338 -33.65 9.41 -2.21
N ILE A 339 -32.43 9.80 -2.55
CA ILE A 339 -31.42 9.96 -1.53
C ILE A 339 -31.79 11.11 -0.58
N LEU A 340 -32.14 12.26 -1.16
CA LEU A 340 -32.51 13.42 -0.35
C LEU A 340 -33.68 13.09 0.55
N ASN A 341 -34.67 12.38 0.02
CA ASN A 341 -35.84 12.02 0.80
C ASN A 341 -35.54 11.06 1.93
N TRP A 342 -34.71 10.08 1.67
CA TRP A 342 -34.23 9.21 2.72
C TRP A 342 -33.52 10.02 3.85
N LEU A 343 -32.57 10.91 3.52
CA LEU A 343 -31.85 11.66 4.54
C LEU A 343 -32.82 12.52 5.33
N HIS A 344 -33.77 13.16 4.61
CA HIS A 344 -34.67 14.03 5.26
C HIS A 344 -35.57 13.26 6.23
N THR A 345 -36.14 12.16 5.79
CA THR A 345 -37.00 11.38 6.68
C THR A 345 -36.28 10.70 7.81
N ASP A 346 -35.18 10.04 7.51
CA ASP A 346 -34.39 9.29 8.49
C ASP A 346 -33.56 10.14 9.48
N TYR A 347 -32.97 11.26 9.07
CA TYR A 347 -32.08 11.99 9.91
C TYR A 347 -32.50 13.41 10.17
N ALA A 348 -33.44 13.94 9.42
CA ALA A 348 -33.93 15.30 9.57
C ALA A 348 -32.81 16.38 9.73
N PRO A 349 -31.86 16.45 8.79
CA PRO A 349 -30.92 17.58 8.93
C PRO A 349 -31.63 18.87 8.70
N PRO A 350 -31.25 19.93 9.39
CA PRO A 350 -31.90 21.22 9.29
C PRO A 350 -31.82 21.81 7.89
N ALA A 351 -30.73 21.54 7.19
CA ALA A 351 -30.52 21.95 5.82
C ALA A 351 -29.76 20.87 5.05
N LEU A 352 -29.95 20.80 3.75
CA LEU A 352 -29.22 19.95 2.85
C LEU A 352 -28.67 20.75 1.67
N TYR A 353 -27.48 20.37 1.17
CA TYR A 353 -26.96 20.93 -0.05
C TYR A 353 -26.51 19.78 -0.97
N VAL A 354 -26.67 19.95 -2.27
CA VAL A 354 -26.04 19.05 -3.21
C VAL A 354 -24.74 19.71 -3.50
N THR A 355 -23.68 19.24 -2.87
CA THR A 355 -22.37 19.84 -3.03
C THR A 355 -21.65 19.38 -4.27
N GLU A 356 -22.09 18.24 -4.85
CA GLU A 356 -21.56 17.75 -6.10
C GLU A 356 -22.62 16.97 -6.84
N ASN A 357 -22.77 17.24 -8.15
CA ASN A 357 -23.51 16.40 -9.07
C ASN A 357 -23.01 16.79 -10.49
N GLY A 358 -22.79 15.80 -11.32
CA GLY A 358 -22.32 16.09 -12.65
C GLY A 358 -21.99 14.81 -13.41
N ALA A 359 -21.46 15.00 -14.64
CA ALA A 359 -21.27 13.87 -15.51
C ALA A 359 -20.07 14.08 -16.42
N ALA A 360 -19.40 12.98 -16.76
CA ALA A 360 -18.29 12.98 -17.70
C ALA A 360 -18.69 12.33 -19.00
N TYR A 361 -18.59 13.08 -20.10
CA TYR A 361 -18.80 12.55 -21.45
C TYR A 361 -17.61 12.95 -22.35
N ASP A 362 -17.35 12.21 -23.45
CA ASP A 362 -16.23 12.59 -24.29
C ASP A 362 -16.55 13.91 -24.93
N ASP A 363 -15.75 14.91 -24.75
CA ASP A 363 -16.03 16.21 -25.38
C ASP A 363 -15.04 16.44 -26.54
N GLN A 364 -15.50 17.09 -27.58
CA GLN A 364 -14.62 17.58 -28.66
C GLN A 364 -14.89 19.03 -28.91
N VAL A 365 -13.87 19.77 -29.33
CA VAL A 365 -14.05 21.17 -29.72
C VAL A 365 -14.41 21.13 -31.18
N SER A 366 -15.52 21.72 -31.54
CA SER A 366 -15.96 21.74 -32.97
C SER A 366 -15.10 22.71 -33.74
N ALA A 367 -15.26 22.67 -35.05
CA ALA A 367 -14.41 23.54 -35.93
C ALA A 367 -14.72 24.97 -35.62
N ALA A 368 -15.99 25.21 -35.27
CA ALA A 368 -16.46 26.55 -34.86
C ALA A 368 -15.92 27.02 -33.45
N GLY A 369 -15.14 26.15 -32.80
CA GLY A 369 -14.60 26.46 -31.50
C GLY A 369 -15.56 26.33 -30.32
N GLU A 370 -16.59 25.50 -30.45
CA GLU A 370 -17.58 25.30 -29.39
C GLU A 370 -17.55 23.84 -28.93
N VAL A 371 -18.09 23.61 -27.75
CA VAL A 371 -18.19 22.25 -27.21
C VAL A 371 -19.65 21.94 -27.02
N ASP A 372 -20.19 21.08 -27.89
CA ASP A 372 -21.59 20.77 -27.87
C ASP A 372 -21.76 19.47 -27.08
N ASP A 373 -22.30 19.53 -25.88
CA ASP A 373 -22.38 18.39 -24.98
C ASP A 373 -23.83 18.13 -24.51
N PRO A 374 -24.66 17.64 -25.43
CA PRO A 374 -26.11 17.43 -25.12
C PRO A 374 -26.33 16.34 -24.08
N GLN A 375 -25.42 15.35 -24.01
CA GLN A 375 -25.61 14.31 -23.01
C GLN A 375 -25.38 14.85 -21.57
N ARG A 376 -24.35 15.65 -21.41
CA ARG A 376 -24.09 16.28 -20.09
C ARG A 376 -25.22 17.22 -19.71
N LEU A 377 -25.72 17.95 -20.72
CA LEU A 377 -26.82 18.86 -20.50
C LEU A 377 -28.04 18.12 -20.03
N ALA A 378 -28.39 17.03 -20.71
CA ALA A 378 -29.54 16.28 -20.35
C ALA A 378 -29.37 15.70 -18.96
N TYR A 379 -28.14 15.24 -18.63
CA TYR A 379 -27.86 14.74 -17.27
C TYR A 379 -28.22 15.80 -16.20
N LEU A 380 -27.71 17.02 -16.39
CA LEU A 380 -27.94 18.06 -15.44
C LEU A 380 -29.38 18.46 -15.32
N GLU A 381 -30.05 18.51 -16.47
CA GLU A 381 -31.48 18.86 -16.47
C GLU A 381 -32.33 17.90 -15.59
N GLY A 382 -32.17 16.63 -15.80
CA GLY A 382 -32.88 15.63 -15.05
C GLY A 382 -32.65 15.68 -13.56
N HIS A 383 -31.40 15.89 -13.16
CA HIS A 383 -31.04 15.96 -11.75
C HIS A 383 -31.54 17.27 -11.15
N PHE A 384 -31.49 18.36 -11.89
CA PHE A 384 -32.01 19.62 -11.37
C PHE A 384 -33.51 19.47 -11.16
N GLU A 385 -34.18 18.76 -12.07
CA GLU A 385 -35.61 18.53 -11.94
C GLU A 385 -35.89 17.72 -10.66
N ALA A 386 -35.04 16.68 -10.40
CA ALA A 386 -35.19 15.84 -9.24
C ALA A 386 -35.00 16.69 -7.96
N ALA A 387 -34.04 17.60 -8.00
CA ALA A 387 -33.85 18.50 -6.87
C ALA A 387 -35.07 19.39 -6.70
N TYR A 388 -35.67 19.85 -7.80
CA TYR A 388 -36.86 20.70 -7.73
C TYR A 388 -37.99 19.95 -7.07
N ARG A 389 -38.12 18.69 -7.40
CA ARG A 389 -39.16 17.88 -6.81
C ARG A 389 -38.96 17.70 -5.33
N ALA A 390 -37.71 17.56 -4.94
CA ALA A 390 -37.38 17.37 -3.54
C ALA A 390 -37.82 18.64 -2.74
N ILE A 391 -37.57 19.82 -3.29
CA ILE A 391 -37.91 21.04 -2.58
C ILE A 391 -39.42 21.18 -2.45
N GLN A 392 -40.16 20.78 -3.47
CA GLN A 392 -41.63 20.84 -3.46
C GLN A 392 -42.19 19.88 -2.46
N ALA A 393 -41.46 18.82 -2.16
CA ALA A 393 -41.85 17.83 -1.17
C ALA A 393 -41.52 18.27 0.29
N GLY A 394 -40.99 19.49 0.44
CA GLY A 394 -40.60 20.02 1.72
C GLY A 394 -39.23 19.62 2.27
N ILE A 395 -38.38 19.08 1.43
CA ILE A 395 -37.02 18.74 1.83
C ILE A 395 -36.25 20.02 1.82
N PRO A 396 -35.48 20.29 2.88
CA PRO A 396 -34.84 21.63 2.96
C PRO A 396 -33.52 21.75 2.20
N LEU A 397 -33.60 21.54 0.89
CA LEU A 397 -32.44 21.70 0.00
C LEU A 397 -32.18 23.14 -0.22
N LYS A 398 -31.00 23.62 0.16
CA LYS A 398 -30.66 25.02 0.14
C LYS A 398 -29.78 25.46 -1.03
N GLY A 399 -29.10 24.51 -1.65
CA GLY A 399 -28.18 24.83 -2.71
C GLY A 399 -27.78 23.64 -3.56
N TYR A 400 -27.23 23.90 -4.74
CA TYR A 400 -26.83 22.85 -5.64
C TYR A 400 -25.52 23.31 -6.33
N PHE A 401 -24.44 22.56 -6.19
CA PHE A 401 -23.19 22.82 -6.81
C PHE A 401 -22.88 21.77 -7.85
N VAL A 402 -22.68 22.19 -9.10
CA VAL A 402 -22.39 21.26 -10.16
C VAL A 402 -20.92 20.86 -10.10
N TRP A 403 -20.63 19.59 -10.25
CA TRP A 403 -19.24 19.12 -10.37
C TRP A 403 -19.04 18.93 -11.85
N SER A 404 -18.22 19.72 -12.50
CA SER A 404 -17.39 20.69 -11.88
C SER A 404 -17.46 21.96 -12.76
N LEU A 405 -16.91 23.04 -12.26
CA LEU A 405 -16.76 24.27 -13.00
C LEU A 405 -16.07 24.02 -14.30
N MET A 406 -14.98 23.29 -14.25
CA MET A 406 -14.24 23.02 -15.46
C MET A 406 -13.56 21.67 -15.44
N ASP A 407 -13.15 21.20 -16.60
CA ASP A 407 -12.48 19.92 -16.69
C ASP A 407 -11.25 20.00 -15.79
N ASN A 408 -10.90 18.88 -15.14
CA ASN A 408 -9.79 18.90 -14.22
C ASN A 408 -9.18 17.51 -14.04
N PHE A 409 -8.26 17.38 -13.10
CA PHE A 409 -7.57 16.12 -12.83
C PHE A 409 -8.51 15.24 -12.11
N GLU A 410 -9.06 14.26 -12.80
CA GLU A 410 -10.02 13.35 -12.24
C GLU A 410 -9.33 12.14 -11.52
N TRP A 411 -8.38 12.45 -10.64
CA TRP A 411 -7.81 11.43 -9.77
C TRP A 411 -7.27 10.25 -10.54
N GLY A 412 -7.71 9.05 -10.23
CA GLY A 412 -7.19 7.93 -10.89
C GLY A 412 -7.46 7.82 -12.39
N ARG A 413 -8.39 8.60 -12.94
CA ARG A 413 -8.67 8.57 -14.35
C ARG A 413 -7.86 9.65 -15.08
N GLY A 414 -7.12 10.46 -14.34
CA GLY A 414 -6.32 11.51 -14.92
C GLY A 414 -7.18 12.59 -15.57
N PHE A 415 -6.66 13.22 -16.60
CA PHE A 415 -7.34 14.29 -17.31
C PHE A 415 -8.31 13.78 -18.39
N GLU A 416 -8.27 12.51 -18.67
CA GLU A 416 -9.10 11.92 -19.70
C GLU A 416 -10.59 11.99 -19.39
N LYS A 417 -11.03 12.04 -18.15
CA LYS A 417 -12.43 12.18 -17.87
C LYS A 417 -12.78 13.62 -17.54
N ARG A 418 -13.60 14.26 -18.39
CA ARG A 418 -13.95 15.65 -18.26
C ARG A 418 -15.30 15.81 -17.66
N PHE A 419 -15.36 16.42 -16.49
CA PHE A 419 -16.62 16.70 -15.77
C PHE A 419 -17.09 18.18 -15.83
N GLY A 420 -16.33 19.02 -16.45
CA GLY A 420 -16.69 20.45 -16.39
C GLY A 420 -17.86 20.84 -17.24
N ILE A 421 -18.52 21.94 -16.84
CA ILE A 421 -19.40 22.66 -17.74
C ILE A 421 -18.57 23.72 -18.57
N VAL A 422 -17.28 23.75 -18.32
CA VAL A 422 -16.32 24.58 -19.03
C VAL A 422 -15.17 23.66 -19.45
N PHE A 423 -14.88 23.65 -20.75
CA PHE A 423 -13.83 22.83 -21.35
C PHE A 423 -12.46 23.47 -21.12
N VAL A 424 -11.43 22.65 -20.89
CA VAL A 424 -10.09 23.16 -20.79
C VAL A 424 -9.20 22.48 -21.82
N ASP A 425 -8.57 23.27 -22.67
CA ASP A 425 -7.61 22.76 -23.61
C ASP A 425 -6.31 22.75 -22.85
N TYR A 426 -5.86 21.57 -22.47
CA TYR A 426 -4.66 21.49 -21.63
C TYR A 426 -3.36 21.96 -22.34
N ALA A 427 -3.35 21.98 -23.68
CA ALA A 427 -2.19 22.54 -24.43
C ALA A 427 -1.97 24.02 -24.19
N THR A 428 -3.01 24.79 -24.04
CA THR A 428 -2.88 26.23 -23.83
C THR A 428 -3.53 26.79 -22.57
N GLN A 429 -4.29 25.98 -21.84
CA GLN A 429 -5.09 26.43 -20.67
C GLN A 429 -6.27 27.30 -21.00
N GLN A 430 -6.65 27.32 -22.26
CA GLN A 430 -7.79 28.03 -22.69
C GLN A 430 -9.07 27.38 -22.10
N ARG A 431 -9.96 28.22 -21.64
CA ARG A 431 -11.26 27.79 -21.15
C ARG A 431 -12.35 28.09 -22.19
N ILE A 432 -13.16 27.10 -22.55
CA ILE A 432 -14.30 27.29 -23.42
C ILE A 432 -15.53 26.87 -22.70
N ILE A 433 -16.41 27.81 -22.41
CA ILE A 433 -17.68 27.41 -21.79
C ILE A 433 -18.46 26.47 -22.70
N LYS A 434 -18.86 25.32 -22.19
CA LYS A 434 -19.53 24.31 -23.00
C LYS A 434 -20.98 24.72 -23.17
N ARG A 435 -21.68 24.05 -24.06
CA ARG A 435 -23.08 24.24 -24.20
C ARG A 435 -23.83 24.03 -22.92
N SER A 436 -23.51 22.96 -22.20
CA SER A 436 -24.16 22.74 -20.89
C SER A 436 -23.92 23.95 -19.96
N GLY A 437 -22.73 24.50 -20.02
CA GLY A 437 -22.42 25.68 -19.23
C GLY A 437 -23.24 26.95 -19.61
N LYS A 438 -23.44 27.13 -20.91
CA LYS A 438 -24.27 28.24 -21.40
C LYS A 438 -25.70 28.04 -20.95
N TRP A 439 -26.16 26.78 -21.01
CA TRP A 439 -27.46 26.44 -20.55
C TRP A 439 -27.56 26.74 -19.05
N PHE A 440 -26.53 26.35 -18.30
CA PHE A 440 -26.55 26.57 -16.86
C PHE A 440 -26.59 28.04 -16.57
N SER A 441 -25.97 28.85 -17.45
CA SER A 441 -25.94 30.34 -17.28
C SER A 441 -27.36 30.92 -17.30
N GLN A 442 -28.22 30.30 -18.06
CA GLN A 442 -29.66 30.66 -18.04
C GLN A 442 -30.41 30.15 -16.77
N VAL A 443 -30.08 28.95 -16.30
CA VAL A 443 -30.74 28.37 -15.13
C VAL A 443 -30.53 29.21 -13.88
N THR A 444 -29.29 29.61 -13.68
CA THR A 444 -28.94 30.41 -12.51
C THR A 444 -29.66 31.75 -12.54
N ARG A 445 -29.63 32.40 -13.68
CA ARG A 445 -30.31 33.70 -13.82
C ARG A 445 -31.82 33.62 -13.73
N ALA A 446 -32.40 32.57 -14.28
CA ALA A 446 -33.81 32.34 -14.16
C ALA A 446 -34.19 31.81 -12.75
N ASN A 447 -33.20 31.31 -12.01
CA ASN A 447 -33.41 30.59 -10.78
C ASN A 447 -34.39 29.46 -10.89
N GLY A 448 -34.24 28.68 -11.95
CA GLY A 448 -35.04 27.48 -12.17
C GLY A 448 -34.90 26.97 -13.60
N LEU A 449 -35.66 25.93 -13.94
CA LEU A 449 -35.56 25.34 -15.25
C LEU A 449 -36.41 26.10 -16.24
N PRO A 450 -35.79 26.55 -17.37
CA PRO A 450 -36.47 27.08 -18.55
C PRO A 450 -37.63 26.19 -18.97
N GLU B 6 26.97 -45.69 12.27
CA GLU B 6 26.49 -45.67 10.85
C GLU B 6 27.00 -44.36 10.28
N PRO B 7 27.98 -44.51 9.35
CA PRO B 7 28.69 -43.37 8.75
C PRO B 7 27.91 -42.74 7.62
N HIS B 8 26.87 -41.96 7.93
CA HIS B 8 26.26 -41.26 6.89
C HIS B 8 27.09 -39.95 6.90
N ARG B 9 28.37 -39.99 6.52
CA ARG B 9 29.20 -38.80 6.49
C ARG B 9 29.04 -38.01 5.18
N PHE B 10 29.00 -36.70 5.29
CA PHE B 10 28.89 -35.79 4.15
C PHE B 10 30.27 -35.63 3.51
N PRO B 11 30.38 -34.91 2.39
CA PRO B 11 31.68 -34.75 1.76
C PRO B 11 32.64 -34.07 2.68
N PRO B 12 33.93 -34.29 2.49
CA PRO B 12 34.91 -33.74 3.42
C PRO B 12 34.92 -32.24 3.51
N ASP B 13 34.64 -31.48 2.45
CA ASP B 13 34.64 -30.00 2.65
C ASP B 13 33.25 -29.42 2.84
N PHE B 14 32.27 -30.26 3.22
CA PHE B 14 30.87 -29.76 3.26
C PHE B 14 30.79 -28.62 4.23
N GLN B 15 30.02 -27.61 3.89
CA GLN B 15 29.87 -26.43 4.72
C GLN B 15 28.61 -26.54 5.54
N TRP B 16 28.74 -26.53 6.83
CA TRP B 16 27.68 -26.60 7.79
C TRP B 16 27.58 -25.21 8.38
N GLY B 17 26.42 -24.60 8.24
CA GLY B 17 26.25 -23.26 8.86
C GLY B 17 24.91 -23.02 9.50
N VAL B 18 24.77 -21.78 9.94
CA VAL B 18 23.56 -21.23 10.40
C VAL B 18 23.37 -19.92 9.68
N ALA B 19 22.10 -19.46 9.60
CA ALA B 19 21.77 -18.22 8.90
C ALA B 19 20.99 -17.24 9.72
N THR B 20 21.21 -15.97 9.44
CA THR B 20 20.47 -14.84 10.00
C THR B 20 20.26 -13.77 8.90
N SER B 21 19.60 -12.69 9.26
CA SER B 21 19.50 -11.50 8.39
C SER B 21 19.67 -10.27 9.30
N SER B 22 20.13 -9.19 8.73
CA SER B 22 20.42 -7.99 9.54
C SER B 22 19.28 -7.37 10.31
N TYR B 23 18.15 -7.03 9.69
CA TYR B 23 17.08 -6.47 10.47
C TYR B 23 16.47 -7.43 11.50
N GLN B 24 16.53 -8.73 11.21
CA GLN B 24 16.04 -9.73 12.11
C GLN B 24 16.79 -9.86 13.44
N ILE B 25 18.10 -9.58 13.44
CA ILE B 25 18.93 -9.74 14.64
C ILE B 25 19.68 -8.54 15.18
N GLU B 26 20.00 -7.57 14.34
CA GLU B 26 21.00 -6.57 14.74
C GLU B 26 20.54 -5.58 15.78
N GLY B 27 19.28 -5.16 15.72
CA GLY B 27 18.82 -4.13 16.62
C GLY B 27 19.62 -2.87 16.35
N ALA B 28 19.70 -2.01 17.40
CA ALA B 28 20.57 -0.80 17.28
C ALA B 28 20.25 0.00 15.99
N VAL B 29 18.96 0.25 15.83
CA VAL B 29 18.44 0.76 14.56
C VAL B 29 18.83 2.20 14.28
N GLU B 30 19.10 2.99 15.31
CA GLU B 30 19.66 4.36 15.11
C GLU B 30 21.15 4.51 15.35
N ALA B 31 21.83 3.41 15.60
CA ALA B 31 23.27 3.49 15.97
C ALA B 31 24.17 3.84 14.83
N ASP B 32 25.14 4.74 15.06
CA ASP B 32 26.27 4.85 14.14
C ASP B 32 25.86 5.21 12.72
N GLY B 33 24.92 6.13 12.60
CA GLY B 33 24.50 6.69 11.29
C GLY B 33 23.52 5.83 10.52
N ARG B 34 23.04 4.73 11.10
CA ARG B 34 22.02 3.94 10.39
C ARG B 34 20.76 4.74 10.22
N SER B 35 20.22 4.76 8.98
CA SER B 35 18.96 5.42 8.69
C SER B 35 17.84 4.38 8.70
N PRO B 36 16.58 4.80 8.82
CA PRO B 36 15.48 3.84 8.83
C PRO B 36 15.33 3.01 7.50
N SER B 37 15.14 1.71 7.66
CA SER B 37 14.83 0.83 6.52
C SER B 37 13.33 0.86 6.31
N ILE B 38 12.89 0.32 5.18
CA ILE B 38 11.44 0.16 4.96
C ILE B 38 10.73 -0.66 6.05
N TRP B 39 11.48 -1.56 6.70
CA TRP B 39 10.91 -2.34 7.82
C TRP B 39 10.74 -1.52 9.10
N ASP B 40 11.63 -0.56 9.33
CA ASP B 40 11.49 0.28 10.50
C ASP B 40 10.17 1.02 10.37
N THR B 41 9.89 1.50 9.15
CA THR B 41 8.62 2.22 8.88
C THR B 41 7.38 1.33 8.91
N PHE B 42 7.48 0.18 8.26
CA PHE B 42 6.40 -0.81 8.18
C PHE B 42 5.94 -1.33 9.53
N CYS B 43 6.88 -1.54 10.45
CA CYS B 43 6.48 -2.03 11.80
C CYS B 43 5.58 -1.07 12.56
N ALA B 44 5.62 0.19 12.15
CA ALA B 44 4.68 1.23 12.68
C ALA B 44 3.24 0.99 12.30
N ARG B 45 2.96 0.22 11.27
CA ARG B 45 1.62 0.13 10.76
C ARG B 45 0.84 -0.84 11.59
N PRO B 46 -0.37 -0.40 12.04
CA PRO B 46 -1.29 -1.27 12.77
C PRO B 46 -1.65 -2.49 11.99
N GLY B 47 -1.56 -3.64 12.66
CA GLY B 47 -1.86 -4.94 12.03
C GLY B 47 -0.77 -5.55 11.16
N ALA B 48 0.33 -4.85 10.96
CA ALA B 48 1.40 -5.35 10.13
C ALA B 48 2.15 -6.48 10.82
N ILE B 49 2.42 -6.33 12.12
CA ILE B 49 3.22 -7.32 12.89
C ILE B 49 2.34 -7.95 13.92
N ALA B 50 2.17 -9.25 13.87
CA ALA B 50 1.12 -9.90 14.67
C ALA B 50 1.21 -9.62 16.19
N ASP B 51 2.39 -9.52 16.80
CA ASP B 51 2.50 -9.29 18.22
C ASP B 51 2.78 -7.81 18.50
N GLY B 52 2.72 -6.94 17.48
CA GLY B 52 2.87 -5.50 17.68
C GLY B 52 4.30 -5.07 17.94
N SER B 53 5.25 -5.94 17.62
CA SER B 53 6.65 -5.67 17.95
C SER B 53 7.33 -4.97 16.77
N THR B 54 8.57 -4.56 16.96
CA THR B 54 9.43 -4.02 15.92
C THR B 54 10.82 -4.62 16.01
N GLY B 55 11.66 -4.35 15.01
CA GLY B 55 13.04 -4.85 15.03
C GLY B 55 14.03 -3.92 15.70
N ALA B 56 13.53 -2.97 16.50
CA ALA B 56 14.37 -1.92 17.11
C ALA B 56 15.51 -2.45 17.96
N ILE B 57 15.20 -3.47 18.76
CA ILE B 57 16.21 -4.13 19.59
C ILE B 57 16.59 -5.50 19.02
N ALA B 58 15.59 -6.33 18.72
CA ALA B 58 15.87 -7.65 18.16
C ALA B 58 16.77 -8.50 19.09
N ASN B 59 17.82 -9.10 18.56
CA ASN B 59 18.76 -9.86 19.36
C ASN B 59 19.93 -8.98 19.85
N ASP B 60 19.88 -7.69 19.52
CA ASP B 60 20.94 -6.74 19.82
C ASP B 60 22.30 -7.24 19.34
N HIS B 61 22.32 -7.95 18.20
CA HIS B 61 23.52 -8.54 17.64
C HIS B 61 24.54 -7.50 17.20
N TYR B 62 24.09 -6.28 16.97
CA TYR B 62 25.02 -5.20 16.63
C TYR B 62 26.09 -5.01 17.74
N HIS B 63 25.66 -5.10 18.98
CA HIS B 63 26.52 -5.04 20.14
C HIS B 63 27.04 -6.39 20.56
N ARG B 64 26.25 -7.45 20.41
CA ARG B 64 26.59 -8.80 20.87
C ARG B 64 27.23 -9.78 19.92
N TYR B 65 27.63 -9.31 18.75
CA TYR B 65 28.19 -10.19 17.72
C TYR B 65 29.29 -11.12 18.21
N ARG B 66 30.25 -10.63 19.01
CA ARG B 66 31.34 -11.48 19.44
C ARG B 66 30.87 -12.68 20.26
N GLU B 67 29.94 -12.43 21.14
CA GLU B 67 29.27 -13.47 21.92
C GLU B 67 28.57 -14.48 20.99
N ASP B 68 27.87 -13.98 19.98
CA ASP B 68 27.21 -14.85 19.04
C ASP B 68 28.20 -15.73 18.27
N ILE B 69 29.35 -15.13 17.88
CA ILE B 69 30.35 -15.85 17.15
C ILE B 69 30.86 -17.02 18.08
N ALA B 70 31.02 -16.75 19.35
CA ALA B 70 31.45 -17.76 20.29
C ALA B 70 30.42 -18.90 20.37
N ILE B 71 29.15 -18.53 20.27
CA ILE B 71 28.07 -19.53 20.20
C ILE B 71 28.24 -20.36 18.98
N MET B 72 28.55 -19.72 17.86
CA MET B 72 28.75 -20.46 16.63
C MET B 72 29.88 -21.49 16.80
N LYS B 73 30.95 -21.09 17.51
CA LYS B 73 32.09 -22.01 17.77
C LYS B 73 31.62 -23.23 18.54
N GLN B 74 30.76 -22.99 19.53
CA GLN B 74 30.15 -24.08 20.27
C GLN B 74 29.35 -24.97 19.37
N LEU B 75 28.63 -24.37 18.43
CA LEU B 75 27.87 -25.12 17.47
C LEU B 75 28.68 -25.90 16.49
N GLY B 76 29.95 -25.58 16.34
CA GLY B 76 30.82 -26.32 15.44
C GLY B 76 30.67 -25.99 13.96
N VAL B 77 30.05 -24.87 13.65
CA VAL B 77 29.83 -24.54 12.25
C VAL B 77 31.11 -24.11 11.58
N ASN B 78 31.25 -24.41 10.30
CA ASN B 78 32.41 -23.84 9.59
C ASN B 78 31.99 -22.69 8.66
N ALA B 79 30.70 -22.31 8.72
CA ALA B 79 30.23 -21.25 7.86
C ALA B 79 29.11 -20.49 8.51
N TYR B 80 29.00 -19.21 8.17
CA TYR B 80 27.97 -18.34 8.71
C TYR B 80 27.37 -17.48 7.63
N ARG B 81 26.05 -17.58 7.45
CA ARG B 81 25.35 -16.76 6.46
C ARG B 81 24.66 -15.60 7.20
N PHE B 82 24.96 -14.38 6.78
CA PHE B 82 24.31 -13.16 7.32
C PHE B 82 24.01 -12.24 6.15
N SER B 83 23.28 -11.19 6.45
CA SER B 83 23.04 -10.15 5.46
C SER B 83 23.64 -8.82 5.95
N ILE B 84 23.96 -7.95 5.00
CA ILE B 84 24.50 -6.60 5.27
C ILE B 84 23.37 -5.61 5.08
N ALA B 85 23.26 -4.71 6.04
CA ALA B 85 22.25 -3.71 5.99
C ALA B 85 22.66 -2.49 5.15
N TRP B 86 22.03 -2.34 4.01
CA TRP B 86 22.15 -1.17 3.16
C TRP B 86 21.99 0.15 3.95
N PRO B 87 21.03 0.25 4.86
CA PRO B 87 20.90 1.50 5.67
C PRO B 87 22.13 1.86 6.52
N ARG B 88 22.95 0.88 6.89
CA ARG B 88 24.21 1.19 7.62
C ARG B 88 25.31 1.65 6.69
N ILE B 89 25.41 1.05 5.54
CA ILE B 89 26.42 1.37 4.52
C ILE B 89 26.22 2.69 3.77
N LEU B 90 25.02 2.89 3.25
CA LEU B 90 24.65 4.13 2.53
C LEU B 90 23.30 4.59 3.12
N PRO B 91 23.32 5.24 4.28
CA PRO B 91 22.21 5.75 4.99
C PRO B 91 21.32 6.71 4.18
N ASP B 92 21.90 7.41 3.23
CA ASP B 92 21.14 8.31 2.29
CA ASP B 92 21.05 8.25 2.33
C ASP B 92 20.69 7.53 1.05
N GLY B 93 21.01 6.27 1.05
CA GLY B 93 20.56 5.32 0.04
C GLY B 93 21.58 5.20 -1.05
N ARG B 94 22.19 6.37 -1.36
CA ARG B 94 23.25 6.50 -2.33
C ARG B 94 24.22 7.56 -1.83
N GLY B 95 25.33 7.73 -2.56
CA GLY B 95 26.33 8.74 -2.23
C GLY B 95 27.25 8.47 -1.07
N ARG B 96 27.20 9.27 -0.01
CA ARG B 96 28.22 9.16 1.05
C ARG B 96 28.22 7.79 1.77
N VAL B 97 29.40 7.18 1.84
CA VAL B 97 29.61 5.95 2.55
C VAL B 97 29.68 6.22 4.04
N ASN B 98 28.99 5.39 4.82
CA ASN B 98 29.02 5.54 6.24
C ASN B 98 30.11 4.63 6.76
N GLN B 99 31.25 5.24 7.06
N GLN B 99 31.26 5.23 7.08
CA GLN B 99 32.42 4.53 7.55
CA GLN B 99 32.43 4.47 7.56
C GLN B 99 32.17 3.62 8.77
C GLN B 99 32.16 3.60 8.77
N ALA B 100 31.39 4.09 9.72
CA ALA B 100 31.07 3.36 10.87
C ALA B 100 30.29 2.08 10.50
N GLY B 101 29.37 2.17 9.57
CA GLY B 101 28.61 1.03 9.15
C GLY B 101 29.48 -0.01 8.49
N VAL B 102 30.37 0.43 7.60
CA VAL B 102 31.28 -0.47 6.96
C VAL B 102 32.16 -1.15 8.04
N ASP B 103 32.57 -0.38 9.04
CA ASP B 103 33.41 -0.86 10.09
C ASP B 103 32.78 -2.03 10.90
N PHE B 104 31.48 -1.99 11.14
CA PHE B 104 30.83 -3.09 11.83
C PHE B 104 31.01 -4.40 11.09
N TYR B 105 30.77 -4.39 9.79
CA TYR B 105 30.88 -5.59 9.00
C TYR B 105 32.33 -6.09 8.83
N GLU B 106 33.29 -5.16 8.86
CA GLU B 106 34.69 -5.52 8.88
C GLU B 106 35.07 -6.25 10.18
N ARG B 107 34.57 -5.73 11.31
CA ARG B 107 34.82 -6.30 12.58
C ARG B 107 34.17 -7.69 12.62
N LEU B 108 32.93 -7.78 12.12
CA LEU B 108 32.23 -9.08 12.14
C LEU B 108 32.97 -10.10 11.29
N VAL B 109 33.34 -9.70 10.09
CA VAL B 109 34.04 -10.62 9.16
C VAL B 109 35.43 -11.01 9.69
N ASP B 110 36.16 -10.04 10.21
CA ASP B 110 37.46 -10.32 10.84
C ASP B 110 37.30 -11.34 11.96
N SER B 111 36.33 -11.10 12.83
CA SER B 111 36.07 -12.03 13.94
C SER B 111 35.70 -13.43 13.46
N LEU B 112 34.88 -13.53 12.41
CA LEU B 112 34.51 -14.82 11.89
C LEU B 112 35.73 -15.57 11.38
N LEU B 113 36.53 -14.90 10.55
CA LEU B 113 37.70 -15.56 9.89
C LEU B 113 38.75 -15.95 10.92
N GLU B 114 38.88 -15.12 11.98
CA GLU B 114 39.77 -15.39 13.11
C GLU B 114 39.37 -16.69 13.80
N GLN B 115 38.09 -17.02 13.79
CA GLN B 115 37.60 -18.25 14.38
C GLN B 115 37.45 -19.34 13.40
N GLY B 116 37.93 -19.17 12.18
CA GLY B 116 37.80 -20.22 11.17
C GLY B 116 36.40 -20.45 10.67
N ILE B 117 35.57 -19.42 10.65
CA ILE B 117 34.22 -19.53 10.13
C ILE B 117 34.13 -18.79 8.79
N GLU B 118 33.72 -19.45 7.74
CA GLU B 118 33.65 -18.80 6.43
C GLU B 118 32.39 -17.91 6.35
N PRO B 119 32.56 -16.63 5.95
CA PRO B 119 31.42 -15.73 5.81
C PRO B 119 30.73 -15.86 4.47
N TYR B 120 29.42 -16.01 4.51
CA TYR B 120 28.63 -16.03 3.30
C TYR B 120 27.73 -14.80 3.46
N ALA B 121 27.95 -13.79 2.65
CA ALA B 121 27.20 -12.55 2.77
C ALA B 121 26.07 -12.27 1.81
N THR B 122 24.86 -12.02 2.32
CA THR B 122 23.75 -11.66 1.52
C THR B 122 23.70 -10.14 1.36
N LEU B 123 23.76 -9.65 0.13
CA LEU B 123 23.68 -8.18 -0.07
C LEU B 123 22.35 -7.54 0.31
N TYR B 124 21.25 -8.13 -0.16
CA TYR B 124 19.93 -7.57 0.11
C TYR B 124 19.01 -8.61 0.77
N HIS B 125 18.69 -8.42 2.04
CA HIS B 125 17.72 -9.27 2.73
C HIS B 125 16.60 -8.37 3.33
N TRP B 126 16.04 -7.57 2.44
CA TRP B 126 14.73 -6.93 2.60
C TRP B 126 14.72 -5.58 3.23
N ASP B 127 15.88 -5.12 3.68
CA ASP B 127 15.95 -3.86 4.42
C ASP B 127 16.45 -2.65 3.61
N MET B 128 15.74 -2.29 2.54
CA MET B 128 16.16 -1.10 1.76
C MET B 128 15.98 0.14 2.65
N PRO B 129 16.94 1.07 2.59
CA PRO B 129 16.77 2.34 3.34
C PRO B 129 15.50 3.05 2.89
N GLN B 130 14.73 3.55 3.82
CA GLN B 130 13.43 4.20 3.49
C GLN B 130 13.63 5.36 2.55
N VAL B 131 14.74 6.05 2.72
CA VAL B 131 15.01 7.22 1.89
C VAL B 131 15.24 6.80 0.42
N GLN B 132 15.89 5.65 0.20
CA GLN B 132 16.06 5.10 -1.14
C GLN B 132 14.78 4.59 -1.73
N HIS B 133 13.94 3.98 -0.92
CA HIS B 133 12.64 3.47 -1.42
C HIS B 133 11.73 4.67 -1.87
N ASP B 134 11.92 5.79 -1.22
CA ASP B 134 11.19 7.01 -1.57
C ASP B 134 11.49 7.47 -2.95
N ARG B 135 12.72 7.22 -3.38
CA ARG B 135 13.16 7.53 -4.73
C ARG B 135 12.91 6.38 -5.70
N THR B 136 13.31 5.16 -5.32
CA THR B 136 13.17 4.04 -6.20
C THR B 136 12.65 2.79 -5.51
N PRO B 137 11.34 2.59 -5.51
CA PRO B 137 10.75 1.37 -5.01
C PRO B 137 11.07 0.24 -6.02
N TRP B 138 10.89 -1.02 -5.62
CA TRP B 138 11.31 -2.12 -6.45
C TRP B 138 10.52 -2.12 -7.79
N TYR B 139 9.34 -1.52 -7.81
CA TYR B 139 8.58 -1.40 -9.07
C TYR B 139 9.13 -0.35 -10.03
N ASP B 140 10.08 0.41 -9.60
CA ASP B 140 10.72 1.47 -10.37
C ASP B 140 12.06 0.94 -10.85
N ARG B 141 12.27 1.03 -12.15
CA ARG B 141 13.47 0.47 -12.79
C ARG B 141 14.80 1.07 -12.30
N GLY B 142 14.73 2.27 -11.74
CA GLY B 142 15.92 2.92 -11.30
C GLY B 142 16.50 2.27 -10.05
N VAL B 143 15.73 1.38 -9.44
CA VAL B 143 16.19 0.63 -8.31
C VAL B 143 17.40 -0.22 -8.64
N VAL B 144 17.51 -0.68 -9.88
CA VAL B 144 18.61 -1.56 -10.28
C VAL B 144 19.93 -0.86 -10.10
N ASP B 145 20.07 0.33 -10.66
CA ASP B 145 21.32 1.10 -10.48
C ASP B 145 21.61 1.45 -9.03
N ALA B 146 20.57 1.72 -8.24
CA ALA B 146 20.76 2.00 -6.83
C ALA B 146 21.34 0.80 -6.08
N PHE B 147 20.80 -0.38 -6.31
CA PHE B 147 21.30 -1.58 -5.64
C PHE B 147 22.72 -1.87 -6.09
N VAL B 148 23.01 -1.62 -7.36
CA VAL B 148 24.35 -1.86 -7.91
C VAL B 148 25.39 -0.95 -7.29
N GLU B 149 25.03 0.30 -7.06
CA GLU B 149 25.95 1.25 -6.41
C GLU B 149 26.27 0.75 -5.01
N TYR B 150 25.21 0.32 -4.30
CA TYR B 150 25.40 -0.25 -2.94
C TYR B 150 26.33 -1.45 -2.94
N THR B 151 26.11 -2.35 -3.91
CA THR B 151 26.88 -3.54 -4.06
C THR B 151 28.33 -3.20 -4.31
N ASP B 152 28.53 -2.21 -5.16
CA ASP B 152 29.88 -1.78 -5.49
C ASP B 152 30.63 -1.26 -4.25
N VAL B 153 29.96 -0.39 -3.45
CA VAL B 153 30.63 0.16 -2.28
C VAL B 153 31.09 -0.95 -1.31
N ILE B 154 30.19 -1.84 -0.93
CA ILE B 154 30.48 -2.81 0.10
C ILE B 154 31.39 -3.93 -0.39
N THR B 155 31.20 -4.35 -1.61
CA THR B 155 32.07 -5.38 -2.17
C THR B 155 33.53 -4.90 -2.32
N ARG B 156 33.72 -3.65 -2.64
CA ARG B 156 35.11 -3.12 -2.71
C ARG B 156 35.81 -3.16 -1.40
N ARG B 157 35.07 -2.88 -0.31
N ARG B 157 35.10 -2.87 -0.31
CA ARG B 157 35.59 -2.92 1.05
CA ARG B 157 35.67 -2.92 1.01
C ARG B 157 35.80 -4.31 1.62
C ARG B 157 35.85 -4.29 1.60
N LEU B 158 34.96 -5.26 1.26
CA LEU B 158 35.00 -6.60 1.87
C LEU B 158 35.47 -7.72 0.99
N SER B 159 35.71 -7.49 -0.29
CA SER B 159 36.03 -8.61 -1.17
C SER B 159 37.32 -9.33 -0.80
N ASP B 160 38.26 -8.64 -0.14
CA ASP B 160 39.49 -9.28 0.22
C ASP B 160 39.22 -10.42 1.23
N ARG B 161 38.24 -10.23 2.12
CA ARG B 161 37.88 -11.23 3.13
C ARG B 161 36.65 -12.10 2.81
N VAL B 162 35.69 -11.56 2.07
CA VAL B 162 34.49 -12.33 1.74
C VAL B 162 34.58 -12.85 0.32
N LYS B 163 34.56 -14.14 0.19
CA LYS B 163 34.60 -14.84 -1.07
C LYS B 163 33.19 -15.21 -1.63
N TYR B 164 32.24 -15.59 -0.76
CA TYR B 164 30.93 -16.01 -1.14
C TYR B 164 29.89 -14.91 -0.93
N TRP B 165 29.23 -14.50 -2.02
CA TRP B 165 28.24 -13.44 -1.98
C TRP B 165 26.92 -13.92 -2.53
N MET B 166 25.85 -13.49 -1.90
CA MET B 166 24.51 -13.70 -2.42
C MET B 166 23.96 -12.35 -2.76
N THR B 167 23.36 -12.21 -3.92
CA THR B 167 22.84 -10.93 -4.32
C THR B 167 21.55 -10.53 -3.56
N LEU B 168 20.45 -11.19 -3.83
CA LEU B 168 19.18 -10.89 -3.17
C LEU B 168 18.57 -12.15 -2.60
N ASN B 169 17.94 -11.99 -1.46
CA ASN B 169 17.30 -13.14 -0.78
C ASN B 169 15.86 -13.21 -1.12
N GLU B 170 15.43 -14.34 -1.68
CA GLU B 170 13.98 -14.62 -1.93
C GLU B 170 13.24 -13.52 -2.74
N PRO B 171 13.54 -13.41 -4.02
CA PRO B 171 12.83 -12.47 -4.96
C PRO B 171 11.33 -12.53 -4.87
N TRP B 172 10.82 -13.74 -4.71
CA TRP B 172 9.38 -13.91 -4.57
C TRP B 172 8.84 -13.17 -3.38
N VAL B 173 9.52 -13.23 -2.26
CA VAL B 173 9.06 -12.56 -1.05
C VAL B 173 9.15 -11.03 -1.24
N ILE B 174 10.28 -10.59 -1.74
CA ILE B 174 10.53 -9.15 -1.92
C ILE B 174 9.45 -8.58 -2.80
N SER B 175 9.13 -9.26 -3.87
CA SER B 175 8.15 -8.75 -4.80
C SER B 175 6.73 -9.07 -4.43
N PHE B 176 6.40 -10.31 -4.27
CA PHE B 176 5.00 -10.67 -3.97
C PHE B 176 4.48 -10.23 -2.60
N LEU B 177 5.21 -10.56 -1.53
CA LEU B 177 4.78 -10.18 -0.19
C LEU B 177 4.87 -8.69 0.06
N GLY B 178 5.89 -8.08 -0.51
CA GLY B 178 6.13 -6.66 -0.39
C GLY B 178 5.15 -5.77 -1.18
N TYR B 179 4.82 -6.22 -2.39
CA TYR B 179 4.06 -5.40 -3.30
C TYR B 179 2.77 -6.05 -3.81
N GLY B 180 2.64 -7.37 -3.67
CA GLY B 180 1.54 -8.08 -4.17
C GLY B 180 0.53 -8.45 -3.09
N ALA B 181 0.96 -8.89 -1.90
CA ALA B 181 0.06 -9.36 -0.86
C ALA B 181 -0.02 -8.36 0.29
N GLY B 182 0.88 -7.37 0.33
CA GLY B 182 0.87 -6.31 1.32
C GLY B 182 1.32 -6.80 2.70
N GLU B 183 1.87 -7.99 2.79
CA GLU B 183 2.29 -8.57 4.05
C GLU B 183 3.64 -8.16 4.56
N HIS B 184 4.56 -7.80 3.68
CA HIS B 184 5.89 -7.35 4.01
C HIS B 184 6.07 -5.91 3.51
N ALA B 185 7.07 -5.20 4.08
CA ALA B 185 7.36 -3.88 3.69
C ALA B 185 7.66 -3.84 2.19
N PRO B 186 7.19 -2.81 1.49
CA PRO B 186 6.53 -1.60 2.02
C PRO B 186 5.05 -1.75 2.21
N GLY B 187 4.49 -2.93 2.06
CA GLY B 187 3.09 -3.18 2.36
C GLY B 187 2.05 -2.79 1.30
N LEU B 188 2.40 -2.96 0.04
CA LEU B 188 1.45 -2.72 -1.08
C LEU B 188 0.85 -4.00 -1.62
N ARG B 189 -0.29 -3.90 -2.26
CA ARG B 189 -1.04 -5.06 -2.75
C ARG B 189 -1.56 -4.84 -4.17
N ASP B 190 -0.72 -5.04 -5.18
CA ASP B 190 -1.12 -4.77 -6.54
C ASP B 190 -0.43 -5.77 -7.46
N LYS B 191 -1.16 -6.41 -8.35
CA LYS B 191 -0.55 -7.40 -9.21
C LYS B 191 0.54 -6.75 -10.10
N GLU B 192 0.24 -5.58 -10.72
CA GLU B 192 1.28 -4.96 -11.55
C GLU B 192 2.53 -4.58 -10.80
N LEU B 193 2.36 -3.98 -9.60
CA LEU B 193 3.50 -3.57 -8.82
C LEU B 193 4.38 -4.77 -8.47
N TYR B 194 3.75 -5.88 -8.11
CA TYR B 194 4.54 -7.11 -7.78
C TYR B 194 5.35 -7.63 -8.95
N LEU B 195 4.74 -7.67 -10.15
CA LEU B 195 5.40 -8.15 -11.36
C LEU B 195 6.52 -7.22 -11.77
N ARG B 196 6.34 -5.91 -11.61
CA ARG B 196 7.42 -4.99 -11.91
C ARG B 196 8.57 -5.22 -10.94
N ALA B 197 8.20 -5.38 -9.65
CA ALA B 197 9.19 -5.59 -8.60
C ALA B 197 9.95 -6.86 -8.85
N ALA B 198 9.23 -7.92 -9.26
CA ALA B 198 9.86 -9.22 -9.52
C ALA B 198 10.92 -9.09 -10.64
N HIS B 199 10.54 -8.41 -11.71
CA HIS B 199 11.46 -8.22 -12.82
C HIS B 199 12.70 -7.42 -12.44
N HIS B 200 12.49 -6.35 -11.67
CA HIS B 200 13.61 -5.48 -11.29
C HIS B 200 14.56 -6.18 -10.31
N VAL B 201 14.00 -7.05 -9.49
CA VAL B 201 14.87 -7.82 -8.56
C VAL B 201 15.81 -8.69 -9.43
N LEU B 202 15.26 -9.37 -10.40
CA LEU B 202 16.12 -10.18 -11.33
C LEU B 202 17.18 -9.35 -12.03
N LEU B 203 16.79 -8.17 -12.46
CA LEU B 203 17.69 -7.30 -13.16
C LEU B 203 18.81 -6.83 -12.25
N ALA B 204 18.44 -6.49 -11.02
CA ALA B 204 19.40 -6.06 -10.00
C ALA B 204 20.38 -7.18 -9.72
N HIS B 205 19.88 -8.43 -9.65
CA HIS B 205 20.77 -9.57 -9.44
C HIS B 205 21.79 -9.63 -10.61
N GLY B 206 21.27 -9.55 -11.81
CA GLY B 206 22.16 -9.70 -13.00
C GLY B 206 23.17 -8.57 -13.17
N LYS B 207 22.75 -7.32 -12.91
CA LYS B 207 23.63 -6.17 -13.05
C LYS B 207 24.72 -6.24 -11.93
N ALA B 208 24.33 -6.76 -10.75
CA ALA B 208 25.25 -6.84 -9.65
C ALA B 208 26.37 -7.85 -9.85
N MET B 209 26.10 -8.97 -10.52
CA MET B 209 27.08 -10.04 -10.64
C MET B 209 28.44 -9.59 -11.17
N PRO B 210 28.51 -8.88 -12.33
CA PRO B 210 29.80 -8.46 -12.86
C PRO B 210 30.54 -7.50 -11.89
N VAL B 211 29.78 -6.72 -11.18
CA VAL B 211 30.38 -5.82 -10.18
C VAL B 211 31.09 -6.62 -9.08
N ILE B 212 30.40 -7.64 -8.59
CA ILE B 212 30.94 -8.49 -7.54
C ILE B 212 32.24 -9.17 -8.05
N ARG B 213 32.18 -9.72 -9.25
CA ARG B 213 33.33 -10.43 -9.83
C ARG B 213 34.50 -9.45 -10.03
N ALA B 214 34.15 -8.28 -10.55
CA ALA B 214 35.14 -7.24 -10.78
C ALA B 214 35.84 -6.78 -9.52
N ASN B 215 35.12 -6.64 -8.40
CA ASN B 215 35.74 -6.16 -7.15
C ASN B 215 36.38 -7.29 -6.40
N GLY B 216 36.17 -8.51 -6.85
CA GLY B 216 36.74 -9.68 -6.23
C GLY B 216 37.98 -10.18 -6.91
N ASN B 217 38.21 -11.47 -6.78
CA ASN B 217 39.33 -12.12 -7.41
C ASN B 217 38.87 -13.45 -7.99
N ALA B 218 39.80 -14.33 -8.30
CA ALA B 218 39.54 -15.60 -8.91
C ALA B 218 38.71 -16.52 -8.02
N GLN B 219 38.85 -16.39 -6.72
CA GLN B 219 38.08 -17.15 -5.74
C GLN B 219 36.61 -16.77 -5.59
N THR B 220 36.25 -15.56 -6.02
CA THR B 220 34.90 -15.02 -5.83
C THR B 220 33.79 -15.86 -6.45
N LYS B 221 32.80 -16.19 -5.63
CA LYS B 221 31.64 -16.97 -6.05
C LYS B 221 30.41 -16.21 -5.70
N ALA B 222 29.44 -16.15 -6.60
CA ALA B 222 28.22 -15.40 -6.30
C ALA B 222 27.00 -16.03 -6.94
N GLY B 223 25.88 -15.82 -6.28
CA GLY B 223 24.60 -16.33 -6.81
C GLY B 223 23.46 -15.68 -6.11
N ILE B 224 22.25 -16.03 -6.56
CA ILE B 224 21.02 -15.54 -5.97
C ILE B 224 20.50 -16.62 -5.00
N VAL B 225 19.54 -16.22 -4.15
CA VAL B 225 18.92 -17.09 -3.20
C VAL B 225 17.44 -17.17 -3.45
N LEU B 226 16.94 -18.37 -3.77
CA LEU B 226 15.54 -18.53 -4.09
C LEU B 226 14.84 -19.32 -2.98
N ASN B 227 13.68 -18.86 -2.55
CA ASN B 227 12.79 -19.69 -1.77
C ASN B 227 12.06 -20.66 -2.72
N LEU B 228 12.11 -21.94 -2.42
CA LEU B 228 11.38 -22.95 -3.12
C LEU B 228 10.74 -23.93 -2.14
N ASN B 229 9.57 -24.40 -2.47
CA ASN B 229 8.83 -25.38 -1.64
C ASN B 229 8.28 -26.44 -2.60
N TRP B 230 8.00 -27.58 -2.05
CA TRP B 230 7.44 -28.68 -2.86
C TRP B 230 5.92 -28.46 -2.97
N VAL B 231 5.44 -28.47 -4.19
CA VAL B 231 4.05 -28.19 -4.50
C VAL B 231 3.34 -29.44 -4.95
N ASN B 232 2.16 -29.65 -4.42
CA ASN B 232 1.31 -30.78 -4.76
C ASN B 232 -0.09 -30.30 -5.04
N ALA B 233 -0.76 -31.03 -5.93
CA ALA B 233 -2.17 -30.76 -6.26
C ALA B 233 -3.01 -31.53 -5.28
N ALA B 234 -4.09 -30.95 -4.84
CA ALA B 234 -4.99 -31.57 -3.83
C ALA B 234 -5.66 -32.82 -4.39
N SER B 235 -5.84 -32.92 -5.70
CA SER B 235 -6.44 -34.09 -6.34
C SER B 235 -6.04 -34.19 -7.79
N ASP B 236 -6.63 -35.15 -8.50
CA ASP B 236 -6.37 -35.38 -9.91
C ASP B 236 -7.30 -34.59 -10.81
N SER B 237 -8.23 -33.84 -10.23
CA SER B 237 -9.16 -33.10 -11.06
C SER B 237 -8.39 -32.11 -11.91
N PRO B 238 -8.86 -31.86 -13.14
CA PRO B 238 -8.20 -30.87 -13.99
C PRO B 238 -8.12 -29.49 -13.34
N GLU B 239 -9.19 -29.05 -12.68
CA GLU B 239 -9.12 -27.74 -12.01
C GLU B 239 -7.98 -27.69 -10.93
N ASP B 240 -7.84 -28.75 -10.17
CA ASP B 240 -6.81 -28.81 -9.14
C ASP B 240 -5.41 -28.96 -9.71
N GLN B 241 -5.28 -29.74 -10.77
CA GLN B 241 -3.96 -29.86 -11.42
C GLN B 241 -3.55 -28.50 -11.93
N ALA B 242 -4.51 -27.80 -12.53
CA ALA B 242 -4.25 -26.52 -13.08
C ALA B 242 -3.90 -25.52 -11.97
N ALA B 243 -4.61 -25.58 -10.85
CA ALA B 243 -4.34 -24.69 -9.76
C ALA B 243 -2.94 -24.89 -9.24
N ALA B 244 -2.57 -26.14 -9.05
CA ALA B 244 -1.26 -26.49 -8.57
C ALA B 244 -0.17 -25.99 -9.52
N ARG B 245 -0.43 -26.12 -10.82
CA ARG B 245 0.53 -25.75 -11.83
C ARG B 245 0.74 -24.22 -11.80
N ARG B 246 -0.33 -23.47 -11.64
CA ARG B 246 -0.24 -22.01 -11.53
C ARG B 246 0.59 -21.62 -10.28
N TYR B 247 0.36 -22.29 -9.18
CA TYR B 247 1.03 -21.90 -7.94
C TYR B 247 2.52 -22.22 -8.04
N ASP B 248 2.80 -23.37 -8.63
CA ASP B 248 4.18 -23.83 -8.87
C ASP B 248 4.95 -22.83 -9.74
N GLN B 249 4.30 -22.38 -10.79
CA GLN B 249 4.83 -21.37 -11.70
C GLN B 249 5.08 -20.05 -10.95
N PHE B 250 4.13 -19.71 -10.09
CA PHE B 250 4.13 -18.45 -9.30
C PHE B 250 5.22 -18.42 -8.23
N PHE B 251 5.41 -19.55 -7.54
CA PHE B 251 6.29 -19.66 -6.37
C PHE B 251 7.67 -20.14 -6.75
N ASN B 252 7.73 -21.23 -7.52
CA ASN B 252 8.99 -21.94 -7.81
C ASN B 252 9.65 -21.58 -9.13
N ARG B 253 8.86 -21.31 -10.16
CA ARG B 253 9.46 -21.14 -11.50
C ARG B 253 9.57 -19.68 -11.99
N TRP B 254 8.95 -18.73 -11.28
CA TRP B 254 8.89 -17.37 -11.80
C TRP B 254 10.27 -16.73 -11.95
N PHE B 255 11.19 -17.16 -11.11
CA PHE B 255 12.56 -16.62 -11.12
C PHE B 255 13.55 -17.58 -11.71
N ALA B 256 13.39 -18.87 -11.45
CA ALA B 256 14.30 -19.85 -11.97
C ALA B 256 14.32 -19.92 -13.50
N GLU B 257 13.14 -19.83 -14.11
CA GLU B 257 13.13 -19.91 -15.58
C GLU B 257 13.83 -18.68 -16.22
N PRO B 258 13.56 -17.49 -15.70
CA PRO B 258 14.31 -16.34 -16.25
C PRO B 258 15.82 -16.47 -16.05
N LEU B 259 16.23 -16.91 -14.88
CA LEU B 259 17.64 -17.02 -14.54
C LEU B 259 18.37 -18.01 -15.43
N TYR B 260 17.73 -19.12 -15.78
CA TYR B 260 18.41 -20.14 -16.57
C TYR B 260 18.00 -20.21 -18.00
N ASN B 261 16.75 -19.89 -18.34
CA ASN B 261 16.26 -20.02 -19.69
C ASN B 261 15.84 -18.69 -20.33
N GLY B 262 16.00 -17.58 -19.67
CA GLY B 262 15.67 -16.28 -20.19
C GLY B 262 14.22 -16.10 -20.58
N ARG B 263 13.32 -16.73 -19.82
CA ARG B 263 11.87 -16.56 -20.06
C ARG B 263 11.08 -16.73 -18.74
N TYR B 264 9.91 -16.08 -18.68
CA TYR B 264 8.97 -16.32 -17.64
C TYR B 264 8.08 -17.53 -18.00
N PRO B 265 7.56 -18.24 -17.00
CA PRO B 265 6.62 -19.35 -17.33
C PRO B 265 5.41 -18.83 -18.08
N GLU B 266 5.22 -19.31 -19.31
CA GLU B 266 4.30 -18.66 -20.26
C GLU B 266 2.83 -18.69 -19.84
N GLU B 267 2.34 -19.83 -19.40
CA GLU B 267 0.93 -19.98 -19.04
C GLU B 267 0.58 -18.97 -17.93
N LEU B 268 1.41 -18.86 -16.88
CA LEU B 268 1.14 -17.85 -15.85
C LEU B 268 1.27 -16.44 -16.36
N LEU B 269 2.26 -16.22 -17.21
CA LEU B 269 2.45 -14.92 -17.81
C LEU B 269 1.21 -14.39 -18.56
N GLU B 270 0.64 -15.26 -19.35
CA GLU B 270 -0.59 -14.97 -20.12
C GLU B 270 -1.74 -14.67 -19.19
N TRP B 271 -1.89 -15.52 -18.19
CA TRP B 271 -2.96 -15.38 -17.20
C TRP B 271 -2.89 -14.00 -16.49
N TYR B 272 -1.70 -13.57 -16.17
CA TYR B 272 -1.51 -12.24 -15.58
C TYR B 272 -1.81 -11.09 -16.51
N GLY B 273 -1.37 -11.23 -17.76
CA GLY B 273 -1.39 -10.14 -18.69
C GLY B 273 0.07 -9.81 -18.95
N ARG B 274 0.62 -10.27 -20.06
CA ARG B 274 2.06 -10.23 -20.35
C ARG B 274 2.66 -8.83 -20.34
N ASP B 275 1.91 -7.83 -20.74
CA ASP B 275 2.37 -6.44 -20.75
C ASP B 275 2.67 -5.86 -19.39
N LEU B 276 2.16 -6.47 -18.32
CA LEU B 276 2.44 -5.96 -16.95
C LEU B 276 3.90 -6.13 -16.52
N VAL B 277 4.62 -7.03 -17.18
CA VAL B 277 6.04 -7.21 -16.87
C VAL B 277 6.82 -6.30 -17.75
N PRO B 278 7.59 -5.35 -17.17
CA PRO B 278 8.24 -4.33 -17.95
C PRO B 278 9.61 -4.82 -18.49
N VAL B 279 9.57 -5.83 -19.35
CA VAL B 279 10.74 -6.38 -19.98
C VAL B 279 11.21 -5.44 -21.08
N GLN B 280 12.49 -5.07 -21.08
CA GLN B 280 13.09 -4.29 -22.09
C GLN B 280 14.15 -5.12 -22.79
N PRO B 281 14.49 -4.72 -24.04
CA PRO B 281 15.50 -5.49 -24.79
C PRO B 281 16.83 -5.58 -24.05
N GLY B 282 17.39 -6.79 -23.99
CA GLY B 282 18.62 -7.07 -23.28
C GLY B 282 18.42 -7.49 -21.84
N ASP B 283 17.21 -7.36 -21.30
CA ASP B 283 17.00 -7.75 -19.90
C ASP B 283 17.34 -9.22 -19.62
N PHE B 284 16.85 -10.12 -20.48
CA PHE B 284 17.12 -11.52 -20.28
C PHE B 284 18.62 -11.85 -20.36
N ASP B 285 19.38 -11.17 -21.22
CA ASP B 285 20.82 -11.37 -21.26
C ASP B 285 21.45 -10.99 -19.94
N ILE B 286 21.00 -9.87 -19.36
CA ILE B 286 21.44 -9.50 -18.05
C ILE B 286 21.06 -10.53 -16.95
N ILE B 287 19.80 -10.89 -16.97
CA ILE B 287 19.24 -11.80 -15.94
C ILE B 287 19.92 -13.18 -15.92
N THR B 288 20.34 -13.66 -17.10
CA THR B 288 20.96 -14.94 -17.22
C THR B 288 22.44 -14.90 -16.98
N THR B 289 23.00 -13.84 -16.49
CA THR B 289 24.45 -13.73 -16.32
C THR B 289 24.92 -14.91 -15.47
N PRO B 290 25.98 -15.62 -15.89
CA PRO B 290 26.34 -16.86 -15.18
C PRO B 290 26.64 -16.69 -13.70
N THR B 291 26.13 -17.64 -12.93
CA THR B 291 26.36 -17.70 -11.50
C THR B 291 27.19 -18.93 -11.14
N ASP B 292 27.88 -18.84 -10.04
CA ASP B 292 28.70 -19.92 -9.49
C ASP B 292 27.88 -20.99 -8.78
N PHE B 293 26.74 -20.59 -8.23
CA PHE B 293 25.87 -21.51 -7.55
C PHE B 293 24.47 -21.00 -7.50
N LEU B 294 23.58 -21.87 -7.04
CA LEU B 294 22.21 -21.48 -6.69
C LEU B 294 21.97 -21.84 -5.23
N ALA B 295 21.48 -20.90 -4.47
CA ALA B 295 21.18 -21.06 -3.07
C ALA B 295 19.68 -21.21 -2.95
N VAL B 296 19.27 -22.12 -2.10
CA VAL B 296 17.89 -22.55 -1.94
C VAL B 296 17.41 -22.42 -0.48
N ASN B 297 16.26 -21.79 -0.27
CA ASN B 297 15.60 -21.78 1.03
C ASN B 297 14.35 -22.62 0.95
N TYR B 298 14.37 -23.76 1.66
CA TYR B 298 13.31 -24.77 1.57
C TYR B 298 12.72 -24.97 2.97
N TYR B 299 11.37 -24.98 3.06
CA TYR B 299 10.72 -25.23 4.33
C TYR B 299 9.60 -26.27 4.35
N ALA B 300 8.83 -26.36 3.28
CA ALA B 300 7.59 -27.07 3.34
C ALA B 300 7.03 -27.57 2.00
N ARG B 301 6.02 -28.40 2.13
CA ARG B 301 5.18 -28.79 1.02
C ARG B 301 3.90 -27.98 1.07
N THR B 302 3.46 -27.50 -0.07
CA THR B 302 2.24 -26.75 -0.19
C THR B 302 1.31 -27.49 -1.16
N THR B 303 0.08 -27.74 -0.69
CA THR B 303 -0.89 -28.49 -1.42
C THR B 303 -2.02 -27.60 -1.82
N VAL B 304 -2.36 -27.63 -3.10
CA VAL B 304 -3.24 -26.62 -3.72
C VAL B 304 -4.43 -27.27 -4.43
N LYS B 305 -5.56 -26.55 -4.37
CA LYS B 305 -6.77 -26.89 -5.10
C LYS B 305 -7.33 -25.62 -5.69
N ALA B 306 -8.23 -25.78 -6.66
CA ALA B 306 -8.91 -24.61 -7.24
C ALA B 306 -9.78 -23.94 -6.22
N GLY B 307 -9.80 -22.62 -6.21
CA GLY B 307 -10.60 -21.92 -5.19
C GLY B 307 -10.44 -20.42 -5.32
N SER B 308 -11.03 -19.69 -4.37
CA SER B 308 -11.01 -18.23 -4.36
C SER B 308 -10.26 -17.58 -3.22
N THR B 309 -9.55 -18.35 -2.42
CA THR B 309 -8.84 -17.81 -1.28
C THR B 309 -7.84 -16.75 -1.72
N ASP B 310 -7.05 -17.06 -2.75
CA ASP B 310 -6.14 -16.12 -3.34
C ASP B 310 -6.86 -15.84 -4.66
N PRO B 311 -7.43 -14.64 -4.79
CA PRO B 311 -8.21 -14.26 -6.00
C PRO B 311 -7.34 -14.14 -7.25
N MET B 312 -6.10 -13.66 -7.06
CA MET B 312 -5.17 -13.45 -8.17
C MET B 312 -4.83 -14.78 -8.88
N LEU B 313 -4.62 -15.87 -8.16
CA LEU B 313 -4.31 -17.18 -8.76
C LEU B 313 -5.46 -18.12 -8.78
N GLN B 314 -6.55 -17.74 -8.13
CA GLN B 314 -7.72 -18.63 -8.08
C GLN B 314 -7.36 -19.98 -7.49
N VAL B 315 -6.77 -19.96 -6.30
CA VAL B 315 -6.42 -21.18 -5.59
C VAL B 315 -6.81 -21.18 -4.13
N ASP B 316 -6.89 -22.38 -3.58
CA ASP B 316 -7.12 -22.60 -2.14
C ASP B 316 -6.03 -23.54 -1.69
N PHE B 317 -5.75 -23.51 -0.41
CA PHE B 317 -4.73 -24.36 0.17
C PHE B 317 -5.38 -25.43 1.01
N VAL B 318 -4.80 -26.60 0.97
CA VAL B 318 -5.27 -27.79 1.67
C VAL B 318 -4.13 -28.31 2.56
N ARG B 319 -4.50 -28.85 3.71
CA ARG B 319 -3.52 -29.45 4.63
C ARG B 319 -3.70 -30.93 4.59
N PRO B 320 -2.81 -31.68 3.98
CA PRO B 320 -2.83 -33.13 4.08
C PRO B 320 -2.62 -33.57 5.53
N PRO B 321 -3.15 -34.75 5.93
CA PRO B 321 -2.85 -35.22 7.29
C PRO B 321 -1.37 -35.38 7.43
N GLY B 322 -0.79 -34.85 8.49
CA GLY B 322 0.64 -34.89 8.71
C GLY B 322 1.03 -33.99 9.87
N GLU B 323 2.33 -33.73 9.96
CA GLU B 323 2.95 -32.98 11.03
C GLU B 323 3.08 -31.51 10.57
N TYR B 324 2.75 -30.58 11.46
CA TYR B 324 2.80 -29.16 11.17
C TYR B 324 3.59 -28.39 12.18
N THR B 325 4.33 -27.37 11.74
CA THR B 325 5.08 -26.51 12.65
C THR B 325 4.13 -25.46 13.22
N ALA B 326 4.66 -24.61 14.08
CA ALA B 326 3.87 -23.52 14.63
C ALA B 326 3.52 -22.44 13.57
N MET B 327 4.18 -22.47 12.42
CA MET B 327 3.85 -21.56 11.31
C MET B 327 2.70 -22.09 10.42
N ASP B 328 2.16 -23.21 10.80
CA ASP B 328 1.17 -23.93 10.05
C ASP B 328 1.71 -24.36 8.69
N TRP B 329 2.93 -24.83 8.70
CA TRP B 329 3.62 -25.34 7.52
C TRP B 329 3.83 -26.84 7.63
N GLU B 330 3.49 -27.58 6.58
CA GLU B 330 3.63 -29.03 6.63
C GLU B 330 5.07 -29.50 6.60
N VAL B 331 5.37 -30.50 7.45
CA VAL B 331 6.73 -31.04 7.48
C VAL B 331 6.88 -32.13 6.44
N TYR B 332 7.71 -31.90 5.43
CA TYR B 332 7.86 -32.83 4.30
C TYR B 332 9.33 -32.83 3.84
N PRO B 333 10.18 -33.55 4.55
CA PRO B 333 11.62 -33.65 4.27
C PRO B 333 11.90 -34.13 2.86
N GLN B 334 11.11 -35.05 2.34
CA GLN B 334 11.29 -35.53 0.99
C GLN B 334 11.24 -34.40 0.00
N GLY B 335 10.51 -33.35 0.32
CA GLY B 335 10.42 -32.23 -0.54
C GLY B 335 11.73 -31.57 -0.86
N LEU B 336 12.64 -31.59 0.09
CA LEU B 336 13.93 -30.99 -0.11
C LEU B 336 14.73 -31.76 -1.16
N TYR B 337 14.70 -33.08 -1.05
CA TYR B 337 15.36 -33.91 -2.05
C TYR B 337 14.78 -33.57 -3.42
N ASN B 338 13.47 -33.59 -3.48
CA ASN B 338 12.78 -33.41 -4.75
C ASN B 338 13.13 -32.06 -5.39
N ILE B 339 13.20 -31.01 -4.60
CA ILE B 339 13.51 -29.72 -5.12
C ILE B 339 14.97 -29.70 -5.64
N LEU B 340 15.92 -30.24 -4.86
CA LEU B 340 17.29 -30.26 -5.27
C LEU B 340 17.42 -31.03 -6.56
N ASN B 341 16.75 -32.18 -6.65
CA ASN B 341 16.80 -33.03 -7.85
C ASN B 341 16.24 -32.38 -9.08
N TRP B 342 15.11 -31.70 -8.91
CA TRP B 342 14.52 -30.92 -10.00
C TRP B 342 15.51 -29.83 -10.49
N LEU B 343 16.11 -29.05 -9.59
CA LEU B 343 17.04 -28.01 -10.00
C LEU B 343 18.23 -28.62 -10.70
N HIS B 344 18.74 -29.71 -10.16
CA HIS B 344 19.90 -30.34 -10.73
C HIS B 344 19.61 -30.90 -12.12
N THR B 345 18.50 -31.58 -12.30
CA THR B 345 18.19 -32.14 -13.64
C THR B 345 17.81 -31.08 -14.64
N ASP B 346 16.96 -30.16 -14.27
CA ASP B 346 16.48 -29.10 -15.16
C ASP B 346 17.44 -27.93 -15.44
N TYR B 347 18.24 -27.47 -14.49
CA TYR B 347 19.10 -26.32 -14.73
C TYR B 347 20.56 -26.59 -14.57
N ALA B 348 20.94 -27.70 -13.94
CA ALA B 348 22.34 -28.08 -13.82
C ALA B 348 23.31 -26.99 -13.27
N PRO B 349 22.95 -26.36 -12.15
CA PRO B 349 23.90 -25.40 -11.56
C PRO B 349 25.14 -26.10 -11.08
N PRO B 350 26.30 -25.50 -11.26
CA PRO B 350 27.57 -26.13 -10.89
C PRO B 350 27.63 -26.50 -9.41
N ALA B 351 27.03 -25.68 -8.54
CA ALA B 351 26.91 -25.95 -7.14
C ALA B 351 25.55 -25.52 -6.62
N LEU B 352 25.07 -26.22 -5.60
CA LEU B 352 23.87 -25.87 -4.86
C LEU B 352 24.19 -25.68 -3.39
N TYR B 353 23.48 -24.79 -2.73
CA TYR B 353 23.57 -24.68 -1.28
C TYR B 353 22.16 -24.59 -0.71
N VAL B 354 21.94 -25.22 0.44
CA VAL B 354 20.72 -24.98 1.19
C VAL B 354 21.08 -23.85 2.07
N THR B 355 20.65 -22.65 1.72
CA THR B 355 20.98 -21.46 2.50
C THR B 355 20.05 -21.22 3.66
N GLU B 356 18.88 -21.85 3.60
CA GLU B 356 17.92 -21.81 4.74
C GLU B 356 17.10 -23.07 4.77
N ASN B 357 16.96 -23.64 5.96
CA ASN B 357 16.00 -24.70 6.27
C ASN B 357 15.85 -24.72 7.80
N GLY B 358 14.63 -24.82 8.28
CA GLY B 358 14.41 -24.88 9.71
C GLY B 358 12.94 -24.86 10.05
N ALA B 359 12.67 -24.74 11.35
CA ALA B 359 11.33 -24.91 11.85
C ALA B 359 11.06 -24.08 13.08
N ALA B 360 9.83 -23.58 13.20
CA ALA B 360 9.36 -22.91 14.41
C ALA B 360 8.39 -23.78 15.18
N TYR B 361 8.74 -24.08 16.43
CA TYR B 361 7.82 -24.73 17.38
C TYR B 361 7.75 -23.90 18.68
N ASP B 362 6.67 -23.99 19.42
CA ASP B 362 6.58 -23.23 20.69
C ASP B 362 7.64 -23.75 21.63
N ASP B 363 8.54 -22.94 22.09
CA ASP B 363 9.60 -23.37 22.99
C ASP B 363 9.32 -22.87 24.41
N GLN B 364 9.69 -23.64 25.40
CA GLN B 364 9.68 -23.18 26.81
C GLN B 364 11.00 -23.48 27.42
N VAL B 365 11.43 -22.64 28.36
CA VAL B 365 12.61 -22.91 29.16
C VAL B 365 12.16 -23.72 30.34
N SER B 366 12.82 -24.83 30.58
CA SER B 366 12.45 -25.74 31.72
C SER B 366 12.92 -25.14 33.02
N ALA B 367 12.52 -25.76 34.13
CA ALA B 367 12.95 -25.26 35.47
C ALA B 367 14.44 -25.41 35.53
N ALA B 368 14.92 -26.49 34.89
CA ALA B 368 16.38 -26.70 34.76
C ALA B 368 17.16 -25.65 33.89
N GLY B 369 16.44 -24.71 33.24
CA GLY B 369 17.06 -23.74 32.35
C GLY B 369 17.53 -24.26 30.98
N GLU B 370 16.87 -25.31 30.51
CA GLU B 370 17.13 -25.91 29.23
C GLU B 370 15.92 -25.74 28.30
N VAL B 371 16.12 -25.94 27.01
CA VAL B 371 15.04 -25.84 26.07
C VAL B 371 14.98 -27.16 25.30
N ASP B 372 13.97 -27.99 25.58
CA ASP B 372 13.87 -29.31 25.03
C ASP B 372 12.95 -29.23 23.81
N ASP B 373 13.49 -29.33 22.59
CA ASP B 373 12.70 -29.08 21.38
C ASP B 373 12.80 -30.26 20.38
N PRO B 374 12.18 -31.38 20.74
CA PRO B 374 12.33 -32.61 19.98
C PRO B 374 11.66 -32.54 18.61
N GLN B 375 10.61 -31.73 18.52
CA GLN B 375 9.97 -31.55 17.22
C GLN B 375 10.88 -30.86 16.21
N ARG B 376 11.56 -29.85 16.66
CA ARG B 376 12.50 -29.11 15.79
C ARG B 376 13.67 -30.02 15.45
N LEU B 377 14.11 -30.83 16.42
CA LEU B 377 15.25 -31.72 16.18
C LEU B 377 14.85 -32.75 15.13
N ALA B 378 13.67 -33.34 15.27
CA ALA B 378 13.21 -34.32 14.30
C ALA B 378 13.08 -33.70 12.94
N TYR B 379 12.58 -32.43 12.88
CA TYR B 379 12.52 -31.72 11.60
C TYR B 379 13.92 -31.63 10.91
N LEU B 380 14.87 -31.11 11.65
CA LEU B 380 16.21 -30.97 11.11
C LEU B 380 16.84 -32.29 10.68
N GLU B 381 16.63 -33.29 11.51
CA GLU B 381 17.16 -34.61 11.19
C GLU B 381 16.65 -35.15 9.85
N GLY B 382 15.36 -35.09 9.63
CA GLY B 382 14.77 -35.57 8.41
C GLY B 382 15.30 -34.86 7.15
N HIS B 383 15.44 -33.54 7.25
CA HIS B 383 15.89 -32.74 6.14
C HIS B 383 17.37 -32.95 5.85
N PHE B 384 18.18 -33.11 6.88
CA PHE B 384 19.62 -33.40 6.72
C PHE B 384 19.75 -34.73 6.02
N GLU B 385 18.89 -35.66 6.39
CA GLU B 385 18.87 -36.98 5.75
C GLU B 385 18.56 -36.83 4.26
N ALA B 386 17.54 -35.99 3.93
CA ALA B 386 17.15 -35.78 2.56
C ALA B 386 18.33 -35.14 1.78
N ALA B 387 19.03 -34.23 2.41
CA ALA B 387 20.18 -33.58 1.76
C ALA B 387 21.29 -34.62 1.53
N TYR B 388 21.46 -35.51 2.48
CA TYR B 388 22.48 -36.58 2.35
C TYR B 388 22.12 -37.48 1.19
N ARG B 389 20.85 -37.79 1.06
CA ARG B 389 20.40 -38.61 -0.08
C ARG B 389 20.66 -37.91 -1.39
N ALA B 390 20.47 -36.60 -1.39
CA ALA B 390 20.70 -35.82 -2.58
C ALA B 390 22.19 -35.90 -3.01
N ILE B 391 23.09 -35.79 -2.05
CA ILE B 391 24.51 -35.85 -2.37
C ILE B 391 24.88 -37.22 -2.92
N GLN B 392 24.32 -38.27 -2.34
CA GLN B 392 24.59 -39.63 -2.80
C GLN B 392 24.10 -39.84 -4.21
N ALA B 393 23.07 -39.10 -4.61
CA ALA B 393 22.55 -39.17 -5.95
C ALA B 393 23.33 -38.32 -6.98
N GLY B 394 24.43 -37.73 -6.53
CA GLY B 394 25.31 -36.93 -7.39
C GLY B 394 24.93 -35.48 -7.56
N ILE B 395 24.03 -34.98 -6.71
CA ILE B 395 23.66 -33.59 -6.75
C ILE B 395 24.76 -32.80 -6.10
N PRO B 396 25.20 -31.71 -6.69
CA PRO B 396 26.35 -30.99 -6.13
C PRO B 396 26.05 -30.03 -5.00
N LEU B 397 25.51 -30.55 -3.91
CA LEU B 397 25.17 -29.75 -2.73
C LEU B 397 26.40 -29.54 -1.92
N LYS B 398 26.82 -28.27 -1.73
CA LYS B 398 28.07 -27.98 -1.09
C LYS B 398 27.93 -27.54 0.36
N GLY B 399 26.73 -27.14 0.76
CA GLY B 399 26.54 -26.65 2.11
C GLY B 399 25.12 -26.60 2.56
N TYR B 400 24.91 -26.51 3.86
CA TYR B 400 23.59 -26.49 4.45
C TYR B 400 23.64 -25.47 5.61
N PHE B 401 22.81 -24.47 5.57
CA PHE B 401 22.69 -23.43 6.58
C PHE B 401 21.33 -23.54 7.24
N VAL B 402 21.32 -23.77 8.55
CA VAL B 402 20.07 -23.89 9.29
C VAL B 402 19.50 -22.50 9.53
N TRP B 403 18.21 -22.33 9.32
CA TRP B 403 17.51 -21.11 9.75
C TRP B 403 16.86 -21.44 11.07
N SER B 404 17.24 -20.81 12.16
CA SER B 404 18.25 -19.80 12.21
C SER B 404 19.19 -20.13 13.38
N LEU B 405 20.28 -19.41 13.47
CA LEU B 405 21.18 -19.49 14.61
C LEU B 405 20.44 -19.31 15.90
N MET B 406 19.64 -18.27 15.96
CA MET B 406 18.90 -18.01 17.17
C MET B 406 17.50 -17.46 16.86
N ASP B 407 16.65 -17.46 17.85
CA ASP B 407 15.30 -16.91 17.69
C ASP B 407 15.46 -15.44 17.32
N ASN B 408 14.59 -14.93 16.46
CA ASN B 408 14.73 -13.56 16.02
C ASN B 408 13.41 -12.94 15.58
N PHE B 409 13.47 -11.75 14.97
CA PHE B 409 12.24 -11.03 14.55
C PHE B 409 11.79 -11.70 13.31
N GLU B 410 10.73 -12.48 13.41
CA GLU B 410 10.20 -13.22 12.27
C GLU B 410 9.19 -12.39 11.45
N TRP B 411 9.59 -11.17 11.07
CA TRP B 411 8.82 -10.38 10.11
C TRP B 411 7.40 -10.18 10.59
N GLY B 412 6.42 -10.54 9.78
CA GLY B 412 5.07 -10.27 10.14
C GLY B 412 4.56 -11.06 11.33
N ARG B 413 5.26 -12.12 11.76
CA ARG B 413 4.86 -12.88 12.92
C ARG B 413 5.51 -12.32 14.17
N GLY B 414 6.41 -11.33 14.00
CA GLY B 414 7.08 -10.74 15.16
C GLY B 414 8.01 -11.78 15.84
N PHE B 415 8.23 -11.60 17.14
CA PHE B 415 9.10 -12.48 17.93
C PHE B 415 8.41 -13.75 18.43
N GLU B 416 7.13 -13.84 18.25
CA GLU B 416 6.36 -15.04 18.63
C GLU B 416 6.73 -16.32 17.92
N LYS B 417 7.27 -16.32 16.70
CA LYS B 417 7.70 -17.53 16.08
C LYS B 417 9.21 -17.67 16.17
N ARG B 418 9.64 -18.72 16.86
CA ARG B 418 11.06 -18.94 17.13
C ARG B 418 11.59 -20.03 16.23
N PHE B 419 12.55 -19.65 15.39
CA PHE B 419 13.20 -20.59 14.44
C PHE B 419 14.61 -21.02 14.85
N GLY B 420 15.09 -20.48 15.94
CA GLY B 420 16.48 -20.75 16.26
C GLY B 420 16.77 -22.15 16.83
N ILE B 421 18.00 -22.54 16.68
CA ILE B 421 18.54 -23.66 17.46
C ILE B 421 19.17 -23.13 18.78
N VAL B 422 19.15 -21.81 18.97
CA VAL B 422 19.53 -21.15 20.17
C VAL B 422 18.35 -20.27 20.62
N PHE B 423 17.92 -20.45 21.85
CA PHE B 423 16.84 -19.68 22.41
C PHE B 423 17.28 -18.30 22.86
N VAL B 424 16.41 -17.30 22.70
CA VAL B 424 16.69 -15.99 23.24
C VAL B 424 15.63 -15.54 24.21
N ASP B 425 16.01 -15.20 25.42
CA ASP B 425 15.08 -14.68 26.37
C ASP B 425 15.10 -13.18 26.08
N TYR B 426 14.03 -12.67 25.49
CA TYR B 426 14.06 -11.26 25.07
C TYR B 426 14.09 -10.26 26.26
N ALA B 427 13.71 -10.71 27.46
CA ALA B 427 13.80 -9.85 28.67
C ALA B 427 15.22 -9.52 29.05
N THR B 428 16.17 -10.43 28.85
CA THR B 428 17.54 -10.17 29.21
C THR B 428 18.55 -10.33 28.10
N GLN B 429 18.13 -10.81 26.92
CA GLN B 429 19.06 -11.15 25.80
C GLN B 429 19.94 -12.34 26.05
N GLN B 430 19.63 -13.11 27.04
CA GLN B 430 20.33 -14.33 27.32
C GLN B 430 20.08 -15.35 26.17
N ARG B 431 21.14 -16.01 25.79
CA ARG B 431 21.09 -17.09 24.82
C ARG B 431 21.22 -18.47 25.48
N ILE B 432 20.30 -19.38 25.20
CA ILE B 432 20.36 -20.75 25.65
C ILE B 432 20.39 -21.65 24.47
N ILE B 433 21.47 -22.40 24.30
CA ILE B 433 21.49 -23.37 23.23
C ILE B 433 20.40 -24.42 23.45
N LYS B 434 19.58 -24.64 22.45
CA LYS B 434 18.47 -25.60 22.57
C LYS B 434 19.00 -27.01 22.40
N ARG B 435 18.19 -27.98 22.73
CA ARG B 435 18.53 -29.36 22.54
C ARG B 435 18.86 -29.60 21.07
N SER B 436 18.05 -29.04 20.16
CA SER B 436 18.32 -29.22 18.73
C SER B 436 19.73 -28.65 18.39
N GLY B 437 20.05 -27.53 19.02
CA GLY B 437 21.37 -26.91 18.86
C GLY B 437 22.53 -27.78 19.37
N LYS B 438 22.32 -28.42 20.52
CA LYS B 438 23.34 -29.30 21.09
C LYS B 438 23.54 -30.49 20.18
N TRP B 439 22.44 -31.03 19.67
CA TRP B 439 22.46 -32.09 18.71
C TRP B 439 23.19 -31.66 17.43
N PHE B 440 22.92 -30.44 16.98
CA PHE B 440 23.56 -29.94 15.78
C PHE B 440 25.05 -29.82 16.01
N SER B 441 25.44 -29.52 17.25
CA SER B 441 26.88 -29.36 17.62
C SER B 441 27.62 -30.69 17.34
N GLN B 442 26.92 -31.79 17.54
CA GLN B 442 27.45 -33.13 17.23
C GLN B 442 27.49 -33.43 15.72
N VAL B 443 26.46 -32.99 14.99
CA VAL B 443 26.38 -33.27 13.56
C VAL B 443 27.52 -32.56 12.81
N THR B 444 27.76 -31.32 13.18
CA THR B 444 28.81 -30.57 12.53
C THR B 444 30.16 -31.21 12.77
N ARG B 445 30.42 -31.58 14.02
CA ARG B 445 31.71 -32.23 14.35
C ARG B 445 31.85 -33.63 13.74
N ALA B 446 30.78 -34.38 13.68
CA ALA B 446 30.77 -35.66 13.00
C ALA B 446 30.79 -35.55 11.44
N ASN B 447 30.18 -34.49 10.86
CA ASN B 447 30.03 -34.30 9.45
C ASN B 447 29.33 -35.38 8.70
N GLY B 448 28.22 -35.95 9.16
CA GLY B 448 27.29 -35.36 10.02
C GLY B 448 26.36 -36.29 10.82
N LEU B 449 25.65 -37.21 10.15
CA LEU B 449 24.60 -38.02 10.85
C LEU B 449 25.09 -39.40 11.32
N PRO B 450 24.70 -39.84 12.50
CA PRO B 450 23.91 -39.03 13.43
C PRO B 450 24.78 -38.06 14.23
C1 GOL C . -15.20 14.13 -8.82
O1 GOL C . -13.78 13.97 -8.71
C2 GOL C . -15.93 12.82 -8.80
O2 GOL C . -15.58 11.81 -9.78
C3 GOL C . -15.52 12.47 -7.37
O3 GOL C . -16.72 12.46 -6.65
C1 GOL D . -16.94 7.81 -5.59
O1 GOL D . -17.03 7.49 -7.03
C2 GOL D . -17.25 9.26 -5.72
O2 GOL D . -16.15 10.08 -5.27
C3 GOL D . -18.55 9.61 -5.10
O3 GOL D . -19.61 8.63 -5.18
C1 GOL E . -13.83 8.12 -7.11
O1 GOL E . -13.64 9.30 -6.27
C2 GOL E . -14.21 8.51 -8.53
O2 GOL E . -15.19 9.61 -8.40
C3 GOL E . -12.83 8.85 -9.04
O3 GOL E . -12.65 8.94 -10.41
C1 GOL F . -30.27 4.19 2.63
O1 GOL F . -30.33 2.88 3.08
C2 GOL F . -30.64 4.32 1.18
O2 GOL F . -29.67 3.52 0.44
C3 GOL F . -32.16 3.96 1.03
O3 GOL F . -32.79 3.40 2.22
C1 GOL G . -24.01 -0.01 -11.72
O1 GOL G . -24.20 -1.13 -10.93
C2 GOL G . -22.62 -0.24 -12.37
O2 GOL G . -21.54 -0.33 -11.42
C3 GOL G . -22.19 0.84 -13.34
O3 GOL G . -21.29 0.04 -14.09
C1 GOL H . -1.72 19.87 -18.11
O1 GOL H . -2.51 20.58 -17.17
C2 GOL H . -1.57 18.42 -17.74
O2 GOL H . -0.14 18.22 -17.57
C3 GOL H . -2.40 17.49 -18.69
O3 GOL H . -1.75 17.02 -19.83
C1 GOL I . 7.38 36.91 -8.00
O1 GOL I . 7.25 38.36 -7.84
C2 GOL I . 6.34 35.94 -8.68
O2 GOL I . 5.86 35.14 -7.71
C3 GOL I . 5.10 36.21 -9.59
O3 GOL I . 4.05 37.21 -9.47
NI NI J . -5.73 0.73 18.74
NI NI K . -44.71 21.47 -13.33
S SO4 L . -28.41 -0.33 9.59
O1 SO4 L . -29.80 -0.79 9.55
O2 SO4 L . -27.73 -1.22 10.49
O3 SO4 L . -28.03 -0.59 8.20
O4 SO4 L . -28.21 1.13 9.87
C1 GOL M . 12.71 -17.00 7.86
O1 GOL M . 12.51 -15.67 8.18
C2 GOL M . 11.59 -17.60 7.11
O2 GOL M . 10.34 -17.68 7.81
C3 GOL M . 11.66 -16.70 5.88
O3 GOL M . 12.26 -17.55 4.90
C1 GOL N . 8.09 -17.57 2.34
O1 GOL N . 7.62 -18.26 3.54
C2 GOL N . 9.62 -17.69 2.25
O2 GOL N . 10.32 -16.82 3.23
C3 GOL N . 10.02 -19.16 2.37
O3 GOL N . 9.28 -20.03 1.47
C1 GOL O . 6.66 -15.85 7.19
O1 GOL O . 7.04 -14.93 8.26
C2 GOL O . 7.92 -15.83 6.27
O2 GOL O . 8.52 -17.12 5.87
C3 GOL O . 7.58 -15.07 5.01
O3 GOL O . 8.78 -14.65 4.38
C1 GOL P . 7.81 -28.27 -7.73
O1 GOL P . 6.74 -28.92 -6.90
C2 GOL P . 8.00 -28.42 -9.29
O2 GOL P . 8.83 -29.46 -10.01
C3 GOL P . 8.84 -27.28 -9.76
O3 GOL P . 8.49 -27.23 -11.16
C1 GOL Q . 8.26 2.08 -18.59
O1 GOL Q . 8.40 2.36 -17.19
C2 GOL Q . 7.76 0.66 -18.49
O2 GOL Q . 6.45 0.79 -17.98
C3 GOL Q . 7.79 -0.14 -19.79
O3 GOL Q . 8.87 -1.08 -19.67
C1 GOL R . 15.18 -9.85 -24.17
O1 GOL R . 15.01 -9.14 -22.91
C2 GOL R . 16.52 -10.63 -24.36
O2 GOL R . 17.66 -10.07 -23.74
C3 GOL R . 16.84 -10.53 -25.78
O3 GOL R . 17.05 -9.12 -25.95
C1 GOL S . 10.46 -7.17 22.90
O1 GOL S . 9.96 -8.47 22.71
C2 GOL S . 11.53 -6.93 21.81
O2 GOL S . 11.76 -5.49 21.56
C3 GOL S . 12.78 -7.83 22.09
O3 GOL S . 14.14 -7.56 21.66
C1 GOL T . 31.04 5.08 21.40
O1 GOL T . 32.00 5.46 22.47
C2 GOL T . 30.09 3.89 21.76
O2 GOL T . 28.82 4.03 21.09
C3 GOL T . 30.68 2.50 21.44
O3 GOL T . 31.05 1.67 22.60
NI NI U . 22.53 -45.93 5.11
NI NI V . 25.96 1.18 21.71
S SO4 W . 6.90 -23.39 -17.55
O1 SO4 W . 6.60 -24.69 -18.23
O2 SO4 W . 6.33 -23.51 -16.24
O3 SO4 W . 8.39 -23.11 -17.36
O4 SO4 W . 6.23 -22.40 -18.38
#